data_6GRS
#
_entry.id   6GRS
#
_cell.length_a   54.690
_cell.length_b   185.289
_cell.length_c   99.080
_cell.angle_alpha   90.00
_cell.angle_beta   105.56
_cell.angle_gamma   90.00
#
_symmetry.space_group_name_H-M   'P 1 21 1'
#
loop_
_entity.id
_entity.type
_entity.pdbx_description
1 polymer 'Paired immunoglobulin-like receptor B'
2 branched 2-acetamido-2-deoxy-beta-D-glucopyranose-(1-4)-2-acetamido-2-deoxy-beta-D-glucopyranose
3 non-polymer 2-acetamido-2-deoxy-beta-D-glucopyranose
#
_entity_poly.entity_id   1
_entity_poly.type   'polypeptide(L)'
_entity_poly.pdbx_seq_one_letter_code
;GSSLPKPILRVQPDSVVSRWTKVTFFCEETIGANEYRLYKDGKLYKTVTKNKQKPANKAEFSLSNVDLSNAGQYECSYST
QYKSSGYSDPLKLVVTGHYWTPSLLAQASPVVTSGGYVTLQCESWHNDHKFILTVEGPQKLSWTQDSQYNYSTRKYHALF
SVGPVTPNQRWICRCYSYDRNRPYVWSPPSESVELLVSGNLQKPTIKAEPGSVITSKRAMTIWCQGNLDAEVYFLHNEGS
QKTQSTQTLQQPGNKGKFFIPSMTRQHAGQYRCYCYGSAGWSQPSDTLELVVTGIYEHYKPRLSVLPSPVVTAGGNMTLH
CASDFHYDKFILTKEDKKFGNSLDTEHISSSRQYRALFIIGPTTPTHTGTFRCYGYFKNAPQLWSVPSDLQQILISGLSK
KPSLLTHQGHILDPGMTLTLQCYSDINYDRFALHKVGGADIMQHSSQQTDTGFSVANFTLGYVSSSTGGQYRCYGAHNLS
SEWSASSEPLDILITGQLPLTPSLSVKPNHTVHSGETVSLLCWSMDSVDTFILSKEGSAQQPLRLKSKSHDQQSQAEFSM
SAVTSHLSGTYRCYGAQNSSFYLLSSASAPVELTVSGAAAHHHHHH
;
_entity_poly.pdbx_strand_id   A,B
#
loop_
_chem_comp.id
_chem_comp.type
_chem_comp.name
_chem_comp.formula
NAG D-saccharide, beta linking 2-acetamido-2-deoxy-beta-D-glucopyranose 'C8 H15 N O6'
#
# COMPACT_ATOMS: atom_id res chain seq x y z
N PRO A 7 13.26 -4.36 -45.16
CA PRO A 7 12.64 -4.27 -46.49
C PRO A 7 11.56 -3.19 -46.55
N ILE A 8 11.09 -2.89 -47.75
CA ILE A 8 10.03 -1.91 -47.98
C ILE A 8 8.86 -2.62 -48.63
N LEU A 9 7.66 -2.39 -48.11
CA LEU A 9 6.45 -3.02 -48.61
C LEU A 9 5.62 -1.99 -49.37
N ARG A 10 5.28 -2.32 -50.62
CA ARG A 10 4.49 -1.44 -51.47
C ARG A 10 3.14 -2.09 -51.74
N VAL A 11 2.15 -1.24 -52.04
CA VAL A 11 0.79 -1.67 -52.32
C VAL A 11 0.33 -1.00 -53.61
N GLN A 12 -0.37 -1.76 -54.45
CA GLN A 12 -0.97 -1.21 -55.66
C GLN A 12 -2.37 -1.76 -55.83
N PRO A 13 -3.41 -0.90 -55.80
CA PRO A 13 -3.34 0.56 -55.68
C PRO A 13 -3.05 1.06 -54.25
N ASP A 14 -3.40 2.31 -53.96
CA ASP A 14 -3.08 2.93 -52.69
C ASP A 14 -3.66 2.12 -51.52
N SER A 15 -3.20 2.48 -50.32
CA SER A 15 -3.55 1.71 -49.12
C SER A 15 -5.04 1.73 -48.82
N VAL A 16 -5.76 2.73 -49.32
CA VAL A 16 -7.20 2.82 -49.14
C VAL A 16 -7.84 2.42 -50.48
N VAL A 17 -8.45 1.24 -50.51
CA VAL A 17 -8.97 0.66 -51.75
C VAL A 17 -10.48 0.54 -51.65
N SER A 18 -11.15 0.68 -52.79
CA SER A 18 -12.57 0.42 -52.86
C SER A 18 -12.85 -1.07 -52.72
N ARG A 19 -14.06 -1.40 -52.30
CA ARG A 19 -14.42 -2.78 -52.03
C ARG A 19 -14.47 -3.61 -53.31
N TRP A 20 -14.20 -4.91 -53.15
CA TRP A 20 -14.30 -5.89 -54.24
C TRP A 20 -13.34 -5.59 -55.38
N THR A 21 -12.16 -5.08 -55.04
CA THR A 21 -11.13 -4.79 -56.03
C THR A 21 -9.84 -5.52 -55.68
N LYS A 22 -9.15 -6.02 -56.71
CA LYS A 22 -7.94 -6.79 -56.51
C LYS A 22 -6.79 -5.89 -56.09
N VAL A 23 -5.95 -6.39 -55.19
CA VAL A 23 -4.79 -5.64 -54.70
C VAL A 23 -3.59 -6.56 -54.72
N THR A 24 -2.40 -5.94 -54.78
CA THR A 24 -1.15 -6.69 -54.87
C THR A 24 -0.11 -6.02 -53.98
N PHE A 25 0.59 -6.84 -53.19
CA PHE A 25 1.65 -6.37 -52.29
C PHE A 25 3.02 -6.60 -52.92
N PHE A 26 3.79 -5.53 -53.07
CA PHE A 26 5.15 -5.62 -53.57
C PHE A 26 6.13 -5.52 -52.40
N CYS A 27 6.98 -6.52 -52.24
CA CYS A 27 7.99 -6.54 -51.19
C CYS A 27 9.35 -6.41 -51.86
N GLU A 28 9.86 -5.18 -51.94
CA GLU A 28 11.11 -4.88 -52.62
C GLU A 28 12.28 -4.98 -51.65
N GLU A 29 13.30 -5.73 -52.04
CA GLU A 29 14.49 -5.94 -51.22
C GLU A 29 15.69 -6.09 -52.13
N THR A 30 16.77 -5.34 -51.83
CA THR A 30 17.96 -5.39 -52.67
C THR A 30 18.64 -6.76 -52.57
N ILE A 31 18.69 -7.34 -51.37
CA ILE A 31 19.24 -8.68 -51.22
C ILE A 31 18.30 -9.69 -51.89
N GLY A 32 18.85 -10.88 -52.17
CA GLY A 32 18.06 -11.97 -52.73
C GLY A 32 17.65 -12.93 -51.63
N ALA A 33 16.35 -13.20 -51.56
CA ALA A 33 15.76 -13.96 -50.47
C ALA A 33 15.11 -15.22 -51.02
N ASN A 34 15.33 -16.34 -50.33
CA ASN A 34 14.72 -17.61 -50.74
C ASN A 34 13.22 -17.65 -50.50
N GLU A 35 12.71 -17.02 -49.44
CA GLU A 35 11.28 -17.05 -49.21
C GLU A 35 10.82 -15.70 -48.69
N TYR A 36 9.51 -15.48 -48.79
CA TYR A 36 8.87 -14.23 -48.39
C TYR A 36 7.67 -14.58 -47.52
N ARG A 37 7.45 -13.79 -46.47
CA ARG A 37 6.36 -14.04 -45.54
C ARG A 37 5.59 -12.75 -45.32
N LEU A 38 4.28 -12.80 -45.51
CA LEU A 38 3.40 -11.67 -45.26
C LEU A 38 2.69 -11.91 -43.93
N TYR A 39 2.81 -10.96 -43.01
CA TYR A 39 2.23 -11.07 -41.68
C TYR A 39 1.08 -10.07 -41.56
N LYS A 40 -0.11 -10.58 -41.27
CA LYS A 40 -1.31 -9.76 -41.12
C LYS A 40 -1.64 -9.66 -39.63
N ASP A 41 -1.57 -8.45 -39.08
CA ASP A 41 -1.88 -8.20 -37.68
C ASP A 41 -1.04 -9.07 -36.74
N LEU A 44 1.12 -14.92 -39.47
CA LEU A 44 1.52 -15.46 -40.76
C LEU A 44 0.30 -15.59 -41.68
N TYR A 45 0.31 -14.83 -42.78
CA TYR A 45 -0.80 -14.81 -43.72
C TYR A 45 -0.50 -15.59 -44.99
N LYS A 46 0.65 -15.35 -45.61
CA LYS A 46 1.02 -16.03 -46.85
C LYS A 46 2.52 -16.25 -46.85
N THR A 47 2.96 -17.18 -47.70
CA THR A 47 4.39 -17.49 -47.82
C THR A 47 4.70 -17.91 -49.24
N VAL A 48 5.66 -17.23 -49.87
CA VAL A 48 6.13 -17.56 -51.21
C VAL A 48 7.60 -17.95 -51.10
N THR A 49 7.97 -19.08 -51.69
CA THR A 49 9.32 -19.60 -51.63
C THR A 49 9.96 -19.51 -53.01
N LYS A 50 11.12 -18.85 -53.07
CA LYS A 50 11.87 -18.65 -54.32
C LYS A 50 13.36 -18.88 -54.01
N ASN A 51 13.78 -20.14 -54.02
CA ASN A 51 15.15 -20.46 -53.64
C ASN A 51 16.17 -19.94 -54.63
N LYS A 52 16.04 -18.67 -55.04
CA LYS A 52 16.91 -18.00 -56.00
C LYS A 52 16.90 -18.67 -57.37
N GLN A 53 16.31 -19.87 -57.48
CA GLN A 53 16.14 -20.50 -58.78
C GLN A 53 15.18 -19.70 -59.65
N LYS A 54 14.20 -19.05 -59.03
CA LYS A 54 13.30 -18.17 -59.76
C LYS A 54 14.07 -16.94 -60.25
N PRO A 55 13.84 -16.50 -61.49
CA PRO A 55 14.54 -15.34 -62.03
C PRO A 55 14.41 -14.08 -61.19
N ALA A 56 13.17 -13.67 -60.94
CA ALA A 56 12.90 -12.46 -60.17
C ALA A 56 13.36 -12.62 -58.73
N ASN A 57 13.80 -11.51 -58.14
CA ASN A 57 14.20 -11.47 -56.74
C ASN A 57 13.13 -10.89 -55.83
N LYS A 58 12.02 -10.43 -56.39
CA LYS A 58 10.89 -9.89 -55.62
C LYS A 58 9.67 -10.77 -55.84
N ALA A 59 8.90 -10.96 -54.77
CA ALA A 59 7.71 -11.80 -54.79
C ALA A 59 6.45 -10.96 -54.60
N GLU A 60 5.34 -11.46 -55.12
CA GLU A 60 4.06 -10.78 -55.09
C GLU A 60 3.09 -11.52 -54.19
N PHE A 61 2.15 -10.77 -53.62
CA PHE A 61 1.07 -11.33 -52.81
C PHE A 61 -0.25 -10.75 -53.33
N SER A 62 -0.97 -11.54 -54.12
CA SER A 62 -2.20 -11.10 -54.75
C SER A 62 -3.39 -11.42 -53.86
N LEU A 63 -4.19 -10.41 -53.55
CA LEU A 63 -5.42 -10.55 -52.76
C LEU A 63 -6.59 -10.11 -53.64
N SER A 64 -7.07 -11.04 -54.47
CA SER A 64 -8.18 -10.73 -55.37
C SER A 64 -9.48 -10.58 -54.60
N ASN A 65 -10.27 -9.58 -54.99
CA ASN A 65 -11.58 -9.31 -54.38
C ASN A 65 -11.44 -9.07 -52.89
N VAL A 66 -10.95 -7.89 -52.52
CA VAL A 66 -10.71 -7.55 -51.11
C VAL A 66 -12.03 -7.25 -50.43
N ASP A 67 -12.29 -7.94 -49.32
CA ASP A 67 -13.46 -7.70 -48.49
C ASP A 67 -13.04 -6.91 -47.25
N LEU A 68 -14.01 -6.66 -46.36
CA LEU A 68 -13.74 -5.89 -45.14
C LEU A 68 -12.76 -6.63 -44.23
N SER A 69 -12.72 -7.96 -44.30
CA SER A 69 -11.86 -8.72 -43.39
C SER A 69 -10.38 -8.52 -43.69
N ASN A 70 -10.03 -8.19 -44.93
CA ASN A 70 -8.63 -8.03 -45.29
C ASN A 70 -8.01 -6.75 -44.73
N ALA A 71 -8.81 -5.82 -44.22
CA ALA A 71 -8.26 -4.58 -43.69
C ALA A 71 -7.53 -4.83 -42.38
N GLY A 72 -6.37 -4.20 -42.24
CA GLY A 72 -5.58 -4.31 -41.03
C GLY A 72 -4.14 -3.96 -41.29
N GLN A 73 -3.30 -4.25 -40.29
CA GLN A 73 -1.87 -4.01 -40.42
C GLN A 73 -1.20 -5.19 -41.10
N TYR A 74 -0.24 -4.89 -41.97
CA TYR A 74 0.47 -5.91 -42.73
C TYR A 74 1.98 -5.68 -42.63
N GLU A 75 2.72 -6.78 -42.59
CA GLU A 75 4.17 -6.77 -42.53
C GLU A 75 4.71 -7.78 -43.52
N CYS A 76 5.82 -7.44 -44.17
CA CYS A 76 6.51 -8.35 -45.07
C CYS A 76 7.87 -8.69 -44.49
N SER A 77 8.25 -9.96 -44.60
CA SER A 77 9.58 -10.41 -44.20
C SER A 77 10.25 -11.10 -45.38
N TYR A 78 11.54 -10.83 -45.53
CA TYR A 78 12.37 -11.49 -46.53
C TYR A 78 13.43 -12.27 -45.78
N SER A 79 13.75 -13.46 -46.27
CA SER A 79 14.67 -14.32 -45.55
C SER A 79 15.66 -14.97 -46.50
N THR A 80 16.90 -15.05 -46.05
CA THR A 80 17.85 -15.97 -46.62
C THR A 80 17.72 -17.25 -45.80
N GLN A 81 18.18 -18.37 -46.35
CA GLN A 81 18.14 -19.60 -45.57
C GLN A 81 18.93 -19.44 -44.29
N TYR A 82 20.13 -18.86 -44.38
CA TYR A 82 20.97 -18.75 -43.19
C TYR A 82 20.44 -17.74 -42.19
N LYS A 83 19.78 -16.67 -42.63
CA LYS A 83 19.26 -15.70 -41.67
C LYS A 83 18.07 -14.95 -42.24
N SER A 84 17.20 -14.50 -41.32
CA SER A 84 16.13 -13.55 -41.58
C SER A 84 16.22 -12.43 -40.56
N SER A 85 15.89 -11.21 -40.98
CA SER A 85 16.17 -10.06 -40.12
C SER A 85 15.11 -8.96 -40.21
N GLY A 86 14.68 -8.62 -41.42
CA GLY A 86 13.98 -7.37 -41.64
C GLY A 86 12.47 -7.49 -41.58
N TYR A 87 11.86 -6.55 -40.85
CA TYR A 87 10.42 -6.29 -40.91
C TYR A 87 10.20 -4.94 -41.56
N SER A 88 9.16 -4.83 -42.38
CA SER A 88 8.89 -3.60 -43.10
C SER A 88 7.96 -2.70 -42.29
N ASP A 89 7.96 -1.42 -42.62
CA ASP A 89 7.06 -0.48 -41.98
C ASP A 89 5.62 -0.87 -42.31
N PRO A 90 4.74 -1.01 -41.31
CA PRO A 90 3.38 -1.49 -41.60
C PRO A 90 2.60 -0.44 -42.36
N LEU A 91 1.90 -0.88 -43.41
CA LEU A 91 1.03 -0.03 -44.20
C LEU A 91 -0.40 -0.39 -43.85
N LYS A 92 -1.15 0.58 -43.35
CA LYS A 92 -2.53 0.32 -42.95
C LYS A 92 -3.39 0.19 -44.20
N LEU A 93 -3.98 -0.99 -44.39
CA LEU A 93 -4.87 -1.25 -45.51
C LEU A 93 -6.29 -1.03 -45.05
N VAL A 94 -6.98 -0.08 -45.67
CA VAL A 94 -8.33 0.29 -45.29
C VAL A 94 -9.27 -0.09 -46.42
N VAL A 95 -10.31 -0.86 -46.08
CA VAL A 95 -11.36 -1.22 -47.01
C VAL A 95 -12.55 -0.31 -46.74
N THR A 96 -13.16 0.22 -47.79
CA THR A 96 -14.28 1.13 -47.63
C THR A 96 -15.58 0.40 -47.93
N GLY A 97 -16.49 0.35 -46.95
CA GLY A 97 -17.80 -0.21 -47.16
C GLY A 97 -18.76 0.78 -47.77
N HIS A 98 -19.90 0.26 -48.20
CA HIS A 98 -20.97 1.07 -48.76
C HIS A 98 -22.23 1.07 -47.90
N TYR A 99 -22.25 0.27 -46.82
CA TYR A 99 -23.42 0.11 -45.96
C TYR A 99 -23.63 1.31 -45.04
N TRP A 100 -24.82 1.34 -44.42
CA TRP A 100 -25.36 2.45 -43.65
C TRP A 100 -25.02 2.48 -42.16
N THR A 101 -24.59 1.38 -41.57
CA THR A 101 -24.47 1.34 -40.11
C THR A 101 -23.31 2.19 -39.61
N PRO A 102 -23.51 3.04 -38.61
CA PRO A 102 -22.43 3.86 -38.07
C PRO A 102 -21.72 3.21 -36.90
N SER A 103 -20.53 3.72 -36.61
CA SER A 103 -19.71 3.28 -35.49
C SER A 103 -19.49 4.42 -34.51
N LEU A 104 -19.57 4.13 -33.22
CA LEU A 104 -19.40 5.11 -32.15
C LEU A 104 -18.22 4.70 -31.27
N LEU A 105 -17.24 5.58 -31.15
CA LEU A 105 -16.01 5.32 -30.40
C LEU A 105 -15.75 6.45 -29.42
N ALA A 106 -15.47 6.11 -28.17
CA ALA A 106 -15.02 7.10 -27.18
C ALA A 106 -13.64 7.61 -27.59
N GLN A 107 -13.59 8.84 -28.08
CA GLN A 107 -12.36 9.35 -28.68
C GLN A 107 -11.22 9.44 -27.66
N ALA A 108 -11.52 9.77 -26.42
CA ALA A 108 -10.52 9.73 -25.37
C ALA A 108 -10.66 8.47 -24.53
N SER A 109 -11.58 8.50 -23.57
CA SER A 109 -11.88 7.35 -22.72
C SER A 109 -13.24 7.57 -22.09
N PRO A 110 -13.93 6.49 -21.70
CA PRO A 110 -15.25 6.65 -21.06
C PRO A 110 -15.22 7.40 -19.73
N VAL A 111 -14.03 7.71 -19.19
CA VAL A 111 -13.94 8.36 -17.90
C VAL A 111 -14.46 9.79 -17.98
N VAL A 112 -15.30 10.16 -17.03
CA VAL A 112 -15.87 11.51 -16.96
C VAL A 112 -15.88 11.95 -15.51
N THR A 113 -15.44 13.19 -15.27
CA THR A 113 -15.66 13.80 -13.97
C THR A 113 -17.05 14.42 -13.93
N SER A 114 -17.64 14.43 -12.72
CA SER A 114 -19.01 14.92 -12.57
C SER A 114 -19.12 16.37 -13.04
N GLY A 115 -20.04 16.62 -13.96
CA GLY A 115 -20.22 17.94 -14.51
C GLY A 115 -19.37 18.28 -15.71
N GLY A 116 -18.78 17.27 -16.36
CA GLY A 116 -17.89 17.50 -17.48
C GLY A 116 -18.40 16.87 -18.77
N TYR A 117 -17.61 17.06 -19.82
CA TYR A 117 -17.94 16.59 -21.16
C TYR A 117 -16.89 15.58 -21.62
N VAL A 118 -17.33 14.61 -22.41
CA VAL A 118 -16.46 13.66 -23.08
C VAL A 118 -16.78 13.64 -24.57
N THR A 119 -15.77 13.78 -25.41
CA THR A 119 -15.97 13.87 -26.85
C THR A 119 -16.08 12.47 -27.44
N LEU A 120 -17.17 12.23 -28.18
CA LEU A 120 -17.41 10.97 -28.86
C LEU A 120 -17.47 11.22 -30.36
N GLN A 121 -16.77 10.41 -31.14
CA GLN A 121 -16.76 10.52 -32.58
C GLN A 121 -17.62 9.41 -33.19
N CYS A 122 -18.56 9.79 -34.05
CA CYS A 122 -19.42 8.83 -34.73
C CYS A 122 -19.14 8.90 -36.23
N GLU A 123 -18.54 7.84 -36.76
CA GLU A 123 -18.21 7.76 -38.17
C GLU A 123 -19.02 6.65 -38.85
N SER A 124 -19.16 6.77 -40.16
CA SER A 124 -19.87 5.78 -40.97
C SER A 124 -19.47 5.99 -42.43
N TRP A 125 -19.84 5.01 -43.27
CA TRP A 125 -19.46 5.06 -44.68
C TRP A 125 -20.58 5.53 -45.58
N HIS A 126 -21.64 6.12 -45.04
CA HIS A 126 -22.74 6.63 -45.85
C HIS A 126 -22.61 8.14 -46.05
N ASN A 127 -23.27 8.62 -47.09
CA ASN A 127 -23.48 10.03 -47.35
C ASN A 127 -24.57 10.66 -46.45
N ASP A 128 -24.87 10.13 -45.26
CA ASP A 128 -25.84 10.79 -44.40
C ASP A 128 -25.27 12.12 -43.92
N HIS A 129 -26.10 13.16 -43.96
CA HIS A 129 -25.63 14.50 -43.62
C HIS A 129 -25.51 14.70 -42.12
N LYS A 130 -26.40 14.09 -41.33
CA LYS A 130 -26.51 14.39 -39.91
C LYS A 130 -26.43 13.11 -39.10
N PHE A 131 -25.80 13.22 -37.92
CA PHE A 131 -25.74 12.17 -36.93
C PHE A 131 -26.49 12.60 -35.68
N ILE A 132 -26.91 11.60 -34.90
CA ILE A 132 -27.61 11.83 -33.64
C ILE A 132 -27.01 10.92 -32.58
N LEU A 133 -26.72 11.48 -31.41
CA LEU A 133 -26.26 10.72 -30.26
C LEU A 133 -27.33 10.79 -29.19
N THR A 134 -27.83 9.63 -28.78
CA THR A 134 -28.89 9.54 -27.78
C THR A 134 -28.40 8.79 -26.56
N VAL A 135 -28.91 9.19 -25.40
CA VAL A 135 -28.56 8.55 -24.13
C VAL A 135 -29.77 7.75 -23.67
N GLU A 136 -29.51 6.53 -23.21
CA GLU A 136 -30.59 5.64 -22.76
C GLU A 136 -30.98 6.03 -21.34
N GLY A 137 -32.11 6.74 -21.23
CA GLY A 137 -32.60 7.17 -19.94
C GLY A 137 -34.06 7.56 -19.98
N PRO A 138 -34.63 7.87 -18.82
CA PRO A 138 -36.02 8.37 -18.79
C PRO A 138 -36.18 9.68 -19.53
N GLN A 139 -35.28 10.64 -19.30
CA GLN A 139 -35.22 11.87 -20.09
C GLN A 139 -34.39 11.64 -21.33
N LYS A 140 -34.83 12.21 -22.45
CA LYS A 140 -34.18 12.01 -23.73
C LYS A 140 -33.30 13.21 -24.06
N LEU A 141 -32.00 12.97 -24.20
CA LEU A 141 -31.04 14.00 -24.59
C LEU A 141 -30.54 13.67 -26.00
N SER A 142 -30.52 14.67 -26.87
CA SER A 142 -30.15 14.47 -28.26
C SER A 142 -29.13 15.53 -28.68
N TRP A 143 -28.15 15.10 -29.49
CA TRP A 143 -27.19 16.00 -30.11
C TRP A 143 -27.20 15.75 -31.61
N THR A 144 -27.29 16.83 -32.39
CA THR A 144 -27.35 16.75 -33.84
C THR A 144 -26.13 17.43 -34.42
N GLN A 145 -25.35 16.70 -35.22
CA GLN A 145 -24.15 17.23 -35.85
C GLN A 145 -24.15 16.90 -37.33
N ASP A 146 -23.52 17.77 -38.11
CA ASP A 146 -23.36 17.54 -39.53
C ASP A 146 -22.13 16.67 -39.79
N SER A 147 -22.19 15.91 -40.88
CA SER A 147 -21.14 14.96 -41.20
C SER A 147 -19.97 15.67 -41.88
N GLN A 148 -18.80 15.60 -41.26
CA GLN A 148 -17.58 16.09 -41.89
C GLN A 148 -16.91 14.94 -42.64
N TYR A 149 -16.30 15.26 -43.78
CA TYR A 149 -15.74 14.26 -44.67
C TYR A 149 -14.21 14.33 -44.63
N ASN A 150 -13.59 13.20 -44.33
CA ASN A 150 -12.13 13.08 -44.32
C ASN A 150 -11.70 12.51 -45.67
N TYR A 151 -10.97 13.32 -46.44
CA TYR A 151 -10.59 12.90 -47.80
C TYR A 151 -9.60 11.74 -47.78
N SER A 152 -8.79 11.62 -46.72
CA SER A 152 -7.79 10.56 -46.68
C SER A 152 -8.43 9.20 -46.49
N THR A 153 -9.27 9.05 -45.47
CA THR A 153 -9.93 7.78 -45.20
C THR A 153 -11.23 7.60 -45.98
N ARG A 154 -11.73 8.64 -46.63
CA ARG A 154 -12.97 8.58 -47.42
C ARG A 154 -14.13 8.06 -46.56
N LYS A 155 -14.31 8.70 -45.40
CA LYS A 155 -15.31 8.29 -44.43
C LYS A 155 -15.95 9.53 -43.81
N TYR A 156 -17.25 9.47 -43.59
CA TYR A 156 -18.00 10.58 -43.02
C TYR A 156 -18.07 10.41 -41.51
N HIS A 157 -17.79 11.50 -40.79
CA HIS A 157 -17.73 11.45 -39.33
C HIS A 157 -18.33 12.74 -38.76
N ALA A 158 -18.51 12.74 -37.44
CA ALA A 158 -18.98 13.91 -36.73
C ALA A 158 -18.61 13.75 -35.25
N LEU A 159 -18.08 14.82 -34.66
CA LEU A 159 -17.68 14.78 -33.26
C LEU A 159 -18.82 15.30 -32.39
N PHE A 160 -19.10 14.57 -31.31
CA PHE A 160 -20.08 14.96 -30.31
C PHE A 160 -19.38 15.21 -28.98
N SER A 161 -19.90 16.15 -28.21
CA SER A 161 -19.41 16.44 -26.87
C SER A 161 -20.58 16.31 -25.91
N VAL A 162 -20.84 15.08 -25.47
CA VAL A 162 -21.95 14.83 -24.55
C VAL A 162 -21.64 15.47 -23.20
N GLY A 163 -22.71 15.89 -22.50
CA GLY A 163 -22.57 16.53 -21.23
C GLY A 163 -23.55 17.69 -21.06
N PRO A 164 -23.56 18.32 -19.88
CA PRO A 164 -22.71 17.96 -18.72
C PRO A 164 -23.18 16.67 -18.03
N VAL A 165 -22.21 15.86 -17.60
CA VAL A 165 -22.51 14.55 -17.02
C VAL A 165 -22.79 14.73 -15.53
N THR A 166 -23.99 14.33 -15.11
CA THR A 166 -24.39 14.39 -13.70
C THR A 166 -24.11 13.04 -13.03
N PRO A 167 -23.59 13.06 -11.79
CA PRO A 167 -23.19 11.81 -11.14
C PRO A 167 -24.36 10.99 -10.61
N ASN A 168 -25.58 11.40 -10.94
CA ASN A 168 -26.78 10.68 -10.51
C ASN A 168 -27.38 9.79 -11.59
N GLN A 169 -27.07 10.04 -12.86
CA GLN A 169 -27.67 9.34 -13.98
C GLN A 169 -26.66 8.40 -14.63
N ARG A 170 -27.14 7.26 -15.10
CA ARG A 170 -26.33 6.33 -15.86
C ARG A 170 -26.34 6.73 -17.33
N TRP A 171 -25.14 6.93 -17.90
CA TRP A 171 -24.98 7.48 -19.23
C TRP A 171 -24.60 6.36 -20.20
N ILE A 172 -25.51 6.02 -21.10
CA ILE A 172 -25.28 5.02 -22.13
C ILE A 172 -25.60 5.66 -23.48
N CYS A 173 -24.60 5.75 -24.35
CA CYS A 173 -24.72 6.50 -25.59
C CYS A 173 -24.82 5.55 -26.79
N ARG A 174 -25.73 5.90 -27.71
CA ARG A 174 -25.88 5.20 -28.98
C ARG A 174 -26.00 6.22 -30.09
N CYS A 175 -25.41 5.91 -31.24
CA CYS A 175 -25.36 6.85 -32.36
C CYS A 175 -26.26 6.37 -33.49
N TYR A 176 -26.94 7.34 -34.13
CA TYR A 176 -27.80 7.08 -35.26
C TYR A 176 -27.49 8.06 -36.38
N SER A 177 -27.91 7.70 -37.59
CA SER A 177 -27.76 8.56 -38.76
C SER A 177 -29.07 8.59 -39.54
N TYR A 178 -29.33 9.71 -40.20
CA TYR A 178 -30.56 9.93 -40.92
C TYR A 178 -30.33 10.99 -41.98
N ASP A 179 -31.40 11.33 -42.70
CA ASP A 179 -31.39 12.42 -43.67
C ASP A 179 -32.11 13.64 -43.13
N ARG A 180 -31.74 14.80 -43.66
CA ARG A 180 -32.25 16.07 -43.13
C ARG A 180 -33.74 16.23 -43.42
N ASN A 181 -34.14 15.98 -44.67
CA ASN A 181 -35.50 16.28 -45.09
C ASN A 181 -36.54 15.34 -44.49
N ARG A 182 -36.12 14.18 -43.97
CA ARG A 182 -37.05 13.28 -43.32
C ARG A 182 -36.50 12.87 -41.97
N PRO A 183 -37.28 13.00 -40.89
CA PRO A 183 -36.80 12.55 -39.59
C PRO A 183 -37.51 11.27 -39.17
N TYR A 184 -37.27 10.81 -37.95
CA TYR A 184 -37.89 9.58 -37.42
C TYR A 184 -37.51 8.33 -38.21
N VAL A 185 -36.76 8.48 -39.29
CA VAL A 185 -36.33 7.34 -40.09
C VAL A 185 -34.81 7.20 -39.98
N TRP A 186 -34.36 6.60 -38.89
CA TRP A 186 -32.95 6.51 -38.56
C TRP A 186 -32.35 5.19 -39.06
N SER A 187 -31.03 5.19 -39.19
CA SER A 187 -30.30 3.97 -39.48
C SER A 187 -30.16 3.16 -38.20
N PRO A 188 -29.82 1.88 -38.29
CA PRO A 188 -29.65 1.07 -37.06
C PRO A 188 -28.55 1.64 -36.18
N PRO A 189 -28.60 1.37 -34.88
CA PRO A 189 -27.67 2.01 -33.95
C PRO A 189 -26.31 1.33 -33.93
N SER A 190 -25.33 2.08 -33.40
CA SER A 190 -24.00 1.57 -33.13
C SER A 190 -23.99 0.86 -31.78
N GLU A 191 -22.85 0.29 -31.42
CA GLU A 191 -22.72 -0.35 -30.12
C GLU A 191 -22.84 0.69 -29.01
N SER A 192 -23.53 0.32 -27.94
CA SER A 192 -23.75 1.23 -26.82
C SER A 192 -22.42 1.54 -26.13
N VAL A 193 -22.06 2.81 -26.10
CA VAL A 193 -20.84 3.28 -25.43
C VAL A 193 -21.27 3.96 -24.14
N GLU A 194 -20.93 3.33 -23.01
CA GLU A 194 -21.33 3.82 -21.69
C GLU A 194 -20.20 4.61 -21.07
N LEU A 195 -20.51 5.80 -20.58
CA LEU A 195 -19.51 6.65 -19.93
C LEU A 195 -19.29 6.21 -18.50
N LEU A 196 -18.05 6.31 -18.04
CA LEU A 196 -17.66 5.97 -16.68
C LEU A 196 -17.48 7.26 -15.89
N VAL A 197 -18.34 7.48 -14.90
CA VAL A 197 -18.39 8.73 -14.16
C VAL A 197 -17.56 8.59 -12.89
N SER A 198 -16.73 9.60 -12.61
CA SER A 198 -15.98 9.67 -11.36
C SER A 198 -16.84 10.39 -10.34
N GLY A 199 -17.66 9.63 -9.62
CA GLY A 199 -18.58 10.19 -8.67
C GLY A 199 -17.89 10.72 -7.42
N ASN A 200 -18.72 11.05 -6.43
CA ASN A 200 -18.25 11.56 -5.15
C ASN A 200 -18.48 10.59 -4.00
N LEU A 201 -19.24 9.51 -4.22
CA LEU A 201 -19.52 8.54 -3.17
C LEU A 201 -18.26 7.75 -2.82
N GLN A 202 -18.40 6.83 -1.87
CA GLN A 202 -17.25 6.09 -1.36
C GLN A 202 -16.69 5.17 -2.44
N LYS A 203 -15.36 5.05 -2.46
CA LYS A 203 -14.61 4.33 -3.48
C LYS A 203 -14.61 2.82 -3.18
N PRO A 204 -14.76 1.98 -4.20
CA PRO A 204 -14.66 0.53 -3.99
C PRO A 204 -13.21 0.08 -3.84
N THR A 205 -13.06 -1.08 -3.22
CA THR A 205 -11.75 -1.68 -2.97
C THR A 205 -11.50 -2.78 -4.00
N ILE A 206 -10.55 -2.55 -4.90
CA ILE A 206 -10.24 -3.49 -5.98
C ILE A 206 -9.14 -4.43 -5.54
N LYS A 207 -9.30 -5.72 -5.85
CA LYS A 207 -8.35 -6.74 -5.44
C LYS A 207 -8.15 -7.73 -6.58
N ALA A 208 -7.02 -8.45 -6.52
CA ALA A 208 -6.72 -9.52 -7.45
C ALA A 208 -6.37 -10.77 -6.64
N GLU A 209 -7.17 -11.82 -6.78
CA GLU A 209 -6.97 -13.03 -5.98
C GLU A 209 -5.64 -13.71 -6.28
N PRO A 210 -5.27 -14.00 -7.53
CA PRO A 210 -3.95 -14.61 -7.76
C PRO A 210 -2.81 -13.65 -7.46
N GLY A 211 -2.97 -12.37 -7.73
CA GLY A 211 -1.93 -11.38 -7.50
C GLY A 211 -1.89 -10.34 -8.61
N SER A 212 -1.03 -9.34 -8.47
CA SER A 212 -0.87 -8.33 -9.50
C SER A 212 0.19 -8.71 -10.53
N VAL A 213 0.98 -9.74 -10.28
CA VAL A 213 2.02 -10.20 -11.20
C VAL A 213 1.69 -11.63 -11.60
N ILE A 214 1.39 -11.85 -12.87
CA ILE A 214 0.98 -13.14 -13.38
C ILE A 214 1.79 -13.46 -14.64
N THR A 215 2.21 -14.71 -14.77
CA THR A 215 2.86 -15.14 -16.00
C THR A 215 1.86 -15.18 -17.14
N SER A 216 2.36 -15.04 -18.36
CA SER A 216 1.51 -14.90 -19.52
C SER A 216 0.66 -16.16 -19.75
N LYS A 217 -0.47 -15.96 -20.43
CA LYS A 217 -1.38 -17.02 -20.86
C LYS A 217 -1.97 -17.81 -19.71
N ARG A 218 -2.04 -17.22 -18.52
CA ARG A 218 -2.67 -17.84 -17.36
C ARG A 218 -3.92 -17.06 -16.96
N ALA A 219 -4.73 -17.68 -16.11
CA ALA A 219 -6.00 -17.12 -15.70
C ALA A 219 -5.86 -16.32 -14.41
N MET A 220 -6.75 -15.35 -14.23
CA MET A 220 -6.78 -14.54 -13.02
C MET A 220 -8.17 -13.93 -12.87
N THR A 221 -8.46 -13.48 -11.66
CA THR A 221 -9.74 -12.86 -11.34
C THR A 221 -9.50 -11.51 -10.68
N ILE A 222 -10.36 -10.54 -10.98
CA ILE A 222 -10.30 -9.20 -10.41
C ILE A 222 -11.65 -8.89 -9.79
N TRP A 223 -11.67 -8.70 -8.47
CA TRP A 223 -12.90 -8.43 -7.73
C TRP A 223 -12.75 -7.10 -7.00
N CYS A 224 -13.78 -6.26 -7.09
CA CYS A 224 -13.84 -5.03 -6.31
C CYS A 224 -15.12 -5.03 -5.49
N GLN A 225 -14.98 -4.93 -4.17
CA GLN A 225 -16.10 -4.92 -3.24
C GLN A 225 -16.26 -3.51 -2.71
N GLY A 226 -17.42 -2.90 -2.98
CA GLY A 226 -17.67 -1.53 -2.57
C GLY A 226 -18.90 -1.39 -1.71
N ASN A 227 -19.70 -0.37 -1.97
CA ASN A 227 -20.91 -0.13 -1.20
C ASN A 227 -21.92 -1.25 -1.44
N LEU A 228 -22.77 -1.49 -0.44
CA LEU A 228 -23.78 -2.53 -0.54
C LEU A 228 -25.03 -2.07 -1.29
N ASP A 229 -25.07 -0.81 -1.71
CA ASP A 229 -26.16 -0.28 -2.53
C ASP A 229 -25.76 -0.17 -4.01
N ALA A 230 -24.69 -0.85 -4.41
CA ALA A 230 -24.22 -0.80 -5.77
C ALA A 230 -25.10 -1.65 -6.68
N GLU A 231 -24.97 -1.42 -7.99
CA GLU A 231 -25.75 -2.16 -8.96
C GLU A 231 -24.86 -2.74 -10.06
N VAL A 232 -24.00 -1.90 -10.65
CA VAL A 232 -23.12 -2.31 -11.75
C VAL A 232 -21.72 -1.82 -11.44
N TYR A 233 -20.74 -2.71 -11.59
CA TYR A 233 -19.32 -2.38 -11.45
C TYR A 233 -18.67 -2.38 -12.83
N PHE A 234 -17.79 -1.41 -13.06
CA PHE A 234 -17.06 -1.29 -14.31
C PHE A 234 -15.56 -1.40 -14.04
N LEU A 235 -14.89 -2.27 -14.79
CA LEU A 235 -13.45 -2.46 -14.70
C LEU A 235 -12.82 -1.84 -15.94
N HIS A 236 -12.24 -0.65 -15.78
CA HIS A 236 -11.67 0.09 -16.90
C HIS A 236 -10.16 -0.05 -16.90
N ASN A 237 -9.62 -0.60 -17.98
CA ASN A 237 -8.18 -0.60 -18.20
C ASN A 237 -7.76 0.75 -18.78
N GLU A 238 -6.61 1.23 -18.33
CA GLU A 238 -6.09 2.49 -18.88
C GLU A 238 -5.53 2.32 -20.28
N GLY A 239 -5.57 1.11 -20.84
CA GLY A 239 -5.28 0.91 -22.25
C GLY A 239 -6.55 0.98 -23.09
N SER A 240 -7.52 1.75 -22.60
CA SER A 240 -8.80 1.98 -23.27
C SER A 240 -9.56 0.68 -23.49
N GLN A 241 -9.91 0.03 -22.39
CA GLN A 241 -10.77 -1.15 -22.39
C GLN A 241 -11.72 -1.05 -21.21
N LYS A 242 -12.87 -1.72 -21.34
CA LYS A 242 -13.93 -1.62 -20.34
C LYS A 242 -14.73 -2.91 -20.29
N THR A 243 -14.80 -3.50 -19.11
CA THR A 243 -15.64 -4.68 -18.85
C THR A 243 -16.76 -4.31 -17.89
N GLN A 244 -17.95 -4.82 -18.16
CA GLN A 244 -19.14 -4.49 -17.39
C GLN A 244 -19.72 -5.75 -16.76
N SER A 245 -20.02 -5.69 -15.47
CA SER A 245 -20.60 -6.81 -14.74
C SER A 245 -21.81 -6.33 -13.95
N THR A 246 -22.94 -7.02 -14.12
CA THR A 246 -24.17 -6.72 -13.40
C THR A 246 -24.52 -7.79 -12.37
N GLN A 247 -24.45 -9.07 -12.77
CA GLN A 247 -24.76 -10.16 -11.84
C GLN A 247 -23.61 -10.32 -10.85
N THR A 248 -23.85 -9.90 -9.61
CA THR A 248 -22.85 -9.96 -8.55
C THR A 248 -23.30 -10.94 -7.47
N LEU A 249 -22.34 -11.64 -6.89
CA LEU A 249 -22.63 -12.56 -5.79
C LEU A 249 -23.17 -11.79 -4.60
N GLN A 250 -24.39 -12.13 -4.17
CA GLN A 250 -25.01 -11.39 -3.08
C GLN A 250 -24.35 -11.70 -1.73
N GLN A 251 -23.81 -12.90 -1.57
CA GLN A 251 -23.19 -13.28 -0.31
C GLN A 251 -21.69 -13.45 -0.49
N PRO A 252 -20.86 -12.77 0.31
CA PRO A 252 -21.28 -11.77 1.30
C PRO A 252 -21.13 -10.34 0.78
N GLY A 253 -22.22 -9.59 0.74
CA GLY A 253 -22.18 -8.24 0.20
C GLY A 253 -22.06 -8.26 -1.31
N ASN A 254 -21.94 -7.07 -1.88
CA ASN A 254 -21.83 -6.93 -3.33
C ASN A 254 -20.39 -7.13 -3.76
N LYS A 255 -20.15 -8.13 -4.60
CA LYS A 255 -18.82 -8.45 -5.12
C LYS A 255 -18.91 -8.67 -6.62
N GLY A 256 -18.21 -7.85 -7.39
CA GLY A 256 -18.22 -7.97 -8.84
C GLY A 256 -17.13 -8.87 -9.39
N LYS A 257 -17.54 -9.94 -10.06
CA LYS A 257 -16.59 -10.90 -10.63
C LYS A 257 -16.09 -10.42 -11.99
N PHE A 258 -14.79 -10.56 -12.21
CA PHE A 258 -14.18 -10.32 -13.51
C PHE A 258 -13.13 -11.40 -13.75
N PHE A 259 -13.36 -12.24 -14.76
CA PHE A 259 -12.50 -13.37 -15.05
C PHE A 259 -11.80 -13.16 -16.40
N ILE A 260 -10.51 -13.46 -16.43
CA ILE A 260 -9.70 -13.38 -17.64
C ILE A 260 -9.12 -14.77 -17.90
N PRO A 261 -9.41 -15.40 -19.05
CA PRO A 261 -8.92 -16.76 -19.29
C PRO A 261 -7.41 -16.84 -19.45
N SER A 262 -6.83 -15.96 -20.27
CA SER A 262 -5.39 -15.95 -20.50
C SER A 262 -4.90 -14.52 -20.61
N MET A 263 -3.86 -14.20 -19.84
CA MET A 263 -3.31 -12.84 -19.83
C MET A 263 -2.42 -12.63 -21.04
N THR A 264 -2.59 -11.48 -21.71
CA THR A 264 -1.75 -11.11 -22.85
C THR A 264 -1.26 -9.68 -22.72
N ARG A 265 -0.70 -9.13 -23.80
CA ARG A 265 -0.22 -7.76 -23.77
C ARG A 265 -1.38 -6.77 -23.61
N GLN A 266 -2.52 -7.08 -24.23
CA GLN A 266 -3.66 -6.17 -24.19
C GLN A 266 -4.38 -6.15 -22.85
N HIS A 267 -4.01 -7.04 -21.92
CA HIS A 267 -4.61 -7.09 -20.61
C HIS A 267 -3.74 -6.45 -19.52
N ALA A 268 -2.51 -6.10 -19.84
CA ALA A 268 -1.64 -5.44 -18.87
C ALA A 268 -1.92 -3.94 -18.84
N GLY A 269 -1.58 -3.32 -17.71
CA GLY A 269 -1.77 -1.91 -17.47
C GLY A 269 -2.46 -1.67 -16.15
N GLN A 270 -2.85 -0.41 -15.93
CA GLN A 270 -3.54 -0.03 -14.70
C GLN A 270 -5.05 -0.17 -14.88
N TYR A 271 -5.70 -0.68 -13.85
CA TYR A 271 -7.15 -0.90 -13.84
C TYR A 271 -7.78 -0.15 -12.68
N ARG A 272 -9.01 0.32 -12.89
CA ARG A 272 -9.78 0.99 -11.86
C ARG A 272 -11.23 0.52 -11.95
N CYS A 273 -11.85 0.31 -10.79
CA CYS A 273 -13.24 -0.09 -10.71
C CYS A 273 -14.11 1.14 -10.51
N TYR A 274 -14.99 1.40 -11.47
CA TYR A 274 -16.02 2.44 -11.36
C TYR A 274 -17.33 1.78 -10.96
N CYS A 275 -18.09 2.44 -10.10
CA CYS A 275 -19.26 1.84 -9.49
C CYS A 275 -20.44 2.80 -9.55
N TYR A 276 -21.56 2.32 -10.08
CA TYR A 276 -22.82 3.05 -10.10
C TYR A 276 -23.85 2.29 -9.26
N GLY A 277 -24.58 3.03 -8.45
CA GLY A 277 -25.59 2.41 -7.60
C GLY A 277 -26.88 3.19 -7.54
N SER A 278 -27.69 2.94 -6.50
CA SER A 278 -28.95 3.65 -6.36
C SER A 278 -28.73 5.12 -6.01
N ALA A 279 -27.68 5.42 -5.25
CA ALA A 279 -27.37 6.78 -4.83
C ALA A 279 -26.40 7.48 -5.78
N GLY A 280 -26.21 6.96 -6.98
CA GLY A 280 -25.35 7.58 -7.97
C GLY A 280 -23.99 6.91 -8.07
N TRP A 281 -23.12 7.56 -8.83
CA TRP A 281 -21.77 7.06 -9.05
C TRP A 281 -20.90 7.27 -7.81
N SER A 282 -19.75 6.62 -7.81
CA SER A 282 -18.81 6.67 -6.70
C SER A 282 -17.41 6.98 -7.23
N GLN A 283 -16.53 7.39 -6.32
CA GLN A 283 -15.15 7.64 -6.69
C GLN A 283 -14.51 6.35 -7.21
N PRO A 284 -13.70 6.42 -8.25
CA PRO A 284 -13.08 5.21 -8.80
C PRO A 284 -12.13 4.56 -7.80
N SER A 285 -11.92 3.27 -7.98
CA SER A 285 -11.07 2.49 -7.09
C SER A 285 -9.61 2.88 -7.26
N ASP A 286 -8.75 2.29 -6.44
CA ASP A 286 -7.32 2.53 -6.54
C ASP A 286 -6.76 1.96 -7.83
N THR A 287 -5.68 2.55 -8.31
CA THR A 287 -5.06 2.13 -9.56
C THR A 287 -4.30 0.84 -9.31
N LEU A 288 -4.94 -0.29 -9.59
CA LEU A 288 -4.30 -1.59 -9.49
C LEU A 288 -3.55 -1.87 -10.78
N GLU A 289 -2.23 -1.99 -10.70
CA GLU A 289 -1.39 -2.22 -11.87
C GLU A 289 -1.18 -3.71 -12.07
N LEU A 290 -1.59 -4.21 -13.24
CA LEU A 290 -1.36 -5.60 -13.61
C LEU A 290 -0.11 -5.71 -14.46
N VAL A 291 0.66 -6.77 -14.25
CA VAL A 291 1.91 -6.99 -14.96
C VAL A 291 1.91 -8.43 -15.48
N VAL A 292 2.20 -8.58 -16.77
CA VAL A 292 2.28 -9.88 -17.41
C VAL A 292 3.75 -10.20 -17.64
N THR A 293 4.22 -11.28 -17.01
CA THR A 293 5.58 -11.75 -17.21
C THR A 293 5.57 -12.89 -18.23
N GLY A 294 6.75 -13.46 -18.45
CA GLY A 294 6.90 -14.49 -19.45
C GLY A 294 7.23 -13.98 -20.84
N ILE A 295 7.39 -12.68 -21.00
CA ILE A 295 7.82 -12.09 -22.26
C ILE A 295 9.31 -11.83 -22.14
N TYR A 296 9.96 -11.69 -23.30
CA TYR A 296 11.41 -11.48 -23.37
C TYR A 296 12.15 -12.63 -22.71
N GLU A 297 11.68 -13.85 -22.96
CA GLU A 297 12.18 -15.05 -22.31
C GLU A 297 13.61 -15.39 -22.73
N HIS A 298 14.16 -14.69 -23.72
CA HIS A 298 15.41 -15.11 -24.33
C HIS A 298 16.59 -14.89 -23.38
N TYR A 299 16.67 -13.70 -22.79
CA TYR A 299 17.76 -13.30 -21.91
C TYR A 299 17.24 -13.26 -20.48
N LYS A 300 17.37 -14.39 -19.79
CA LYS A 300 16.92 -14.46 -18.39
C LYS A 300 17.91 -13.75 -17.47
N PRO A 301 17.45 -12.86 -16.60
CA PRO A 301 18.36 -12.18 -15.68
C PRO A 301 18.86 -13.12 -14.59
N ARG A 302 19.79 -12.61 -13.80
CA ARG A 302 20.38 -13.36 -12.70
C ARG A 302 20.61 -12.45 -11.51
N LEU A 303 20.28 -12.94 -10.32
CA LEU A 303 20.34 -12.15 -9.10
C LEU A 303 21.25 -12.81 -8.08
N SER A 304 22.00 -11.99 -7.34
CA SER A 304 22.87 -12.47 -6.28
C SER A 304 22.90 -11.42 -5.17
N VAL A 305 23.34 -11.85 -3.99
CA VAL A 305 23.30 -11.01 -2.80
C VAL A 305 24.70 -10.91 -2.21
N LEU A 306 25.03 -9.73 -1.69
CA LEU A 306 26.26 -9.47 -0.97
C LEU A 306 25.95 -8.81 0.36
N PRO A 307 26.74 -9.11 1.41
CA PRO A 307 27.87 -10.04 1.39
C PRO A 307 27.45 -11.51 1.53
N SER A 308 26.37 -11.75 2.25
CA SER A 308 25.90 -13.10 2.53
C SER A 308 24.38 -13.13 2.45
N PRO A 309 23.79 -14.26 2.05
CA PRO A 309 22.32 -14.38 2.06
C PRO A 309 21.72 -14.33 3.46
N VAL A 310 22.54 -14.37 4.51
CA VAL A 310 22.07 -14.24 5.89
C VAL A 310 22.88 -13.14 6.55
N VAL A 311 22.22 -12.05 6.93
CA VAL A 311 22.89 -10.92 7.54
C VAL A 311 22.28 -10.66 8.91
N THR A 312 23.03 -9.94 9.74
CA THR A 312 22.55 -9.57 11.06
C THR A 312 21.47 -8.50 10.95
N ALA A 313 20.63 -8.42 11.98
CA ALA A 313 19.55 -7.44 11.98
C ALA A 313 20.10 -6.02 11.99
N GLY A 314 19.52 -5.17 11.16
CA GLY A 314 19.97 -3.81 11.04
C GLY A 314 21.36 -3.69 10.43
N GLY A 315 21.56 -4.27 9.25
CA GLY A 315 22.83 -4.22 8.57
C GLY A 315 22.66 -3.84 7.11
N ASN A 316 23.77 -3.49 6.48
CA ASN A 316 23.79 -3.13 5.07
C ASN A 316 23.67 -4.38 4.20
N MET A 317 22.87 -4.28 3.14
CA MET A 317 22.67 -5.39 2.21
C MET A 317 22.37 -4.83 0.82
N THR A 318 23.11 -5.32 -0.17
CA THR A 318 22.96 -4.89 -1.55
C THR A 318 22.67 -6.10 -2.43
N LEU A 319 21.52 -6.09 -3.09
CA LEU A 319 21.16 -7.12 -4.06
C LEU A 319 21.55 -6.68 -5.46
N HIS A 320 22.09 -7.63 -6.24
CA HIS A 320 22.68 -7.34 -7.54
C HIS A 320 22.00 -8.19 -8.60
N CYS A 321 21.21 -7.54 -9.47
CA CYS A 321 20.58 -8.18 -10.60
C CYS A 321 21.12 -7.56 -11.88
N ALA A 322 21.65 -8.40 -12.77
CA ALA A 322 22.23 -7.91 -14.02
C ALA A 322 21.86 -8.88 -15.14
N SER A 323 21.97 -8.39 -16.38
CA SER A 323 21.68 -9.20 -17.54
C SER A 323 22.50 -8.70 -18.72
N ASP A 324 22.79 -9.61 -19.66
CA ASP A 324 23.52 -9.24 -20.86
C ASP A 324 22.71 -8.37 -21.81
N PHE A 325 21.38 -8.39 -21.69
CA PHE A 325 20.51 -7.64 -22.57
C PHE A 325 20.34 -6.21 -22.06
N HIS A 326 20.06 -5.30 -22.99
CA HIS A 326 19.99 -3.87 -22.68
C HIS A 326 18.59 -3.51 -22.16
N TYR A 327 18.28 -4.05 -21.00
CA TYR A 327 17.04 -3.69 -20.31
C TYR A 327 17.12 -2.25 -19.81
N ASP A 328 15.96 -1.59 -19.76
CA ASP A 328 15.91 -0.22 -19.28
C ASP A 328 15.96 -0.16 -17.75
N LYS A 329 15.14 -0.96 -17.08
CA LYS A 329 15.10 -0.97 -15.62
C LYS A 329 14.93 -2.39 -15.11
N PHE A 330 15.33 -2.59 -13.86
CA PHE A 330 15.15 -3.85 -13.15
C PHE A 330 14.25 -3.62 -11.94
N ILE A 331 13.36 -4.57 -11.67
CA ILE A 331 12.44 -4.49 -10.55
C ILE A 331 12.56 -5.74 -9.70
N LEU A 332 12.63 -5.56 -8.39
CA LEU A 332 12.76 -6.66 -7.44
C LEU A 332 11.38 -7.02 -6.88
N THR A 333 11.12 -8.32 -6.75
CA THR A 333 9.87 -8.82 -6.20
C THR A 333 10.15 -9.80 -5.07
N LYS A 334 9.34 -9.74 -4.02
CA LYS A 334 9.37 -10.70 -2.92
C LYS A 334 8.10 -11.54 -2.96
N GLU A 335 8.27 -12.87 -2.92
CA GLU A 335 7.17 -13.82 -3.05
C GLU A 335 6.50 -13.54 -4.39
N ASP A 336 5.18 -13.32 -4.44
CA ASP A 336 4.50 -12.94 -5.67
C ASP A 336 4.16 -11.46 -5.72
N LYS A 337 4.58 -10.69 -4.73
CA LYS A 337 4.24 -9.28 -4.61
C LYS A 337 5.44 -8.40 -4.98
N LYS A 338 5.15 -7.24 -5.56
CA LYS A 338 6.20 -6.28 -5.86
C LYS A 338 6.89 -5.81 -4.59
N PHE A 339 8.18 -5.49 -4.71
CA PHE A 339 8.98 -5.00 -3.60
C PHE A 339 9.77 -3.78 -4.04
N GLY A 340 9.83 -2.78 -3.15
CA GLY A 340 10.60 -1.59 -3.45
C GLY A 340 10.08 -0.85 -4.66
N ASN A 341 10.99 -0.47 -5.55
CA ASN A 341 10.65 0.29 -6.74
C ASN A 341 11.56 -0.16 -7.88
N SER A 342 11.52 0.58 -8.99
CA SER A 342 12.32 0.27 -10.16
C SER A 342 13.65 1.00 -10.10
N LEU A 343 14.70 0.35 -10.60
CA LEU A 343 16.04 0.92 -10.68
C LEU A 343 16.53 0.88 -12.11
N ASP A 344 17.15 1.98 -12.54
CA ASP A 344 17.74 2.05 -13.87
C ASP A 344 18.89 1.06 -14.03
N THR A 345 19.13 0.65 -15.26
CA THR A 345 20.21 -0.30 -15.56
C THR A 345 21.46 0.47 -15.97
N GLU A 346 22.60 0.03 -15.43
CA GLU A 346 23.88 0.68 -15.65
C GLU A 346 24.74 -0.24 -16.51
N HIS A 347 25.22 0.28 -17.64
CA HIS A 347 25.97 -0.52 -18.61
C HIS A 347 27.43 -0.54 -18.21
N ILE A 348 27.87 -1.66 -17.64
CA ILE A 348 29.30 -1.85 -17.35
C ILE A 348 30.03 -2.04 -18.66
N SER A 349 31.04 -1.20 -18.90
CA SER A 349 31.75 -1.22 -20.19
C SER A 349 32.61 -2.47 -20.36
N SER A 350 33.00 -3.13 -19.27
CA SER A 350 33.92 -4.27 -19.36
C SER A 350 33.18 -5.60 -19.49
N SER A 351 32.33 -5.91 -18.51
CA SER A 351 31.66 -7.22 -18.46
C SER A 351 30.48 -7.32 -19.41
N ARG A 352 30.17 -6.28 -20.17
CA ARG A 352 29.05 -6.28 -21.12
C ARG A 352 27.72 -6.56 -20.42
N GLN A 353 27.63 -6.23 -19.13
CA GLN A 353 26.42 -6.47 -18.34
C GLN A 353 25.75 -5.15 -18.02
N TYR A 354 24.42 -5.16 -18.01
CA TYR A 354 23.62 -4.03 -17.56
C TYR A 354 23.23 -4.28 -16.11
N ARG A 355 23.74 -3.44 -15.22
CA ARG A 355 23.72 -3.69 -13.79
C ARG A 355 22.70 -2.80 -13.09
N ALA A 356 22.22 -3.28 -11.94
CA ALA A 356 21.35 -2.50 -11.07
C ALA A 356 21.52 -3.03 -9.64
N LEU A 357 21.94 -2.16 -8.73
CA LEU A 357 22.21 -2.54 -7.35
C LEU A 357 21.06 -2.10 -6.46
N PHE A 358 20.38 -3.06 -5.85
CA PHE A 358 19.24 -2.79 -4.97
C PHE A 358 19.76 -2.63 -3.55
N ILE A 359 20.18 -1.41 -3.22
CA ILE A 359 20.63 -1.13 -1.86
C ILE A 359 19.44 -1.12 -0.93
N ILE A 360 19.59 -1.78 0.22
CA ILE A 360 18.53 -1.89 1.21
C ILE A 360 19.02 -1.24 2.49
N GLY A 361 18.15 -0.42 3.10
CA GLY A 361 18.43 0.18 4.39
C GLY A 361 18.61 -0.86 5.49
N PRO A 362 18.70 -0.39 6.74
CA PRO A 362 18.84 -1.31 7.86
C PRO A 362 17.83 -2.45 7.80
N THR A 363 18.33 -3.68 7.86
CA THR A 363 17.50 -4.86 7.60
C THR A 363 16.41 -5.01 8.67
N THR A 364 15.28 -5.56 8.24
CA THR A 364 14.14 -5.86 9.08
C THR A 364 13.72 -7.30 8.86
N PRO A 365 13.11 -7.93 9.88
CA PRO A 365 12.62 -9.31 9.68
C PRO A 365 11.62 -9.45 8.53
N THR A 366 10.96 -8.37 8.13
CA THR A 366 10.03 -8.44 7.00
C THR A 366 10.75 -8.73 5.70
N HIS A 367 12.03 -8.36 5.59
CA HIS A 367 12.80 -8.59 4.37
C HIS A 367 13.08 -10.08 4.14
N THR A 368 12.94 -10.91 5.17
CA THR A 368 13.14 -12.35 5.00
C THR A 368 12.11 -12.91 4.04
N GLY A 369 12.59 -13.59 3.00
CA GLY A 369 11.68 -14.14 2.01
C GLY A 369 12.43 -14.65 0.78
N THR A 370 11.72 -14.66 -0.34
CA THR A 370 12.24 -15.17 -1.61
C THR A 370 12.19 -14.05 -2.63
N PHE A 371 13.37 -13.59 -3.08
CA PHE A 371 13.48 -12.46 -3.99
C PHE A 371 13.75 -12.92 -5.42
N ARG A 372 13.10 -12.27 -6.37
CA ARG A 372 13.36 -12.43 -7.79
C ARG A 372 13.49 -11.06 -8.43
N CYS A 373 14.17 -10.99 -9.57
CA CYS A 373 14.33 -9.73 -10.28
C CYS A 373 13.87 -9.88 -11.73
N TYR A 374 13.26 -8.82 -12.25
CA TYR A 374 12.71 -8.80 -13.59
C TYR A 374 13.30 -7.64 -14.37
N GLY A 375 13.26 -7.75 -15.70
CA GLY A 375 13.72 -6.69 -16.57
C GLY A 375 12.60 -6.24 -17.50
N TYR A 376 12.59 -4.95 -17.80
CA TYR A 376 11.55 -4.38 -18.65
C TYR A 376 12.04 -3.05 -19.22
N PHE A 377 11.27 -2.53 -20.16
CA PHE A 377 11.60 -1.30 -20.86
C PHE A 377 10.65 -0.18 -20.44
N LYS A 378 11.10 1.06 -20.62
CA LYS A 378 10.30 2.22 -20.21
C LYS A 378 9.02 2.32 -21.03
N ASN A 379 9.08 1.98 -22.32
CA ASN A 379 7.91 2.12 -23.18
C ASN A 379 6.80 1.15 -22.81
N ALA A 380 7.13 0.05 -22.14
CA ALA A 380 6.13 -0.93 -21.68
C ALA A 380 6.42 -1.26 -20.22
N PRO A 381 5.90 -0.47 -19.29
CA PRO A 381 6.21 -0.71 -17.87
C PRO A 381 5.56 -1.96 -17.30
N GLN A 382 4.54 -2.51 -17.95
CA GLN A 382 3.82 -3.67 -17.43
C GLN A 382 4.19 -4.96 -18.14
N LEU A 383 5.16 -4.94 -19.05
CA LEU A 383 5.63 -6.13 -19.74
C LEU A 383 7.04 -6.44 -19.23
N TRP A 384 7.14 -7.43 -18.34
CA TRP A 384 8.39 -7.78 -17.69
C TRP A 384 9.03 -8.99 -18.36
N SER A 385 10.28 -9.24 -17.99
CA SER A 385 11.04 -10.35 -18.54
C SER A 385 10.67 -11.66 -17.83
N VAL A 386 11.38 -12.72 -18.21
CA VAL A 386 11.21 -14.01 -17.53
C VAL A 386 11.81 -13.91 -16.13
N PRO A 387 11.15 -14.46 -15.10
CA PRO A 387 11.71 -14.36 -13.74
C PRO A 387 13.07 -15.04 -13.63
N SER A 388 13.91 -14.47 -12.77
CA SER A 388 15.26 -14.97 -12.55
C SER A 388 15.24 -16.04 -11.46
N ASP A 389 16.30 -16.84 -11.42
CA ASP A 389 16.44 -17.87 -10.41
C ASP A 389 16.40 -17.25 -9.01
N LEU A 390 15.51 -17.77 -8.17
CA LEU A 390 15.21 -17.15 -6.89
C LEU A 390 16.44 -17.11 -5.98
N GLN A 391 16.50 -16.07 -5.14
CA GLN A 391 17.57 -15.88 -4.16
C GLN A 391 16.92 -15.62 -2.81
N GLN A 392 17.11 -16.55 -1.87
CA GLN A 392 16.43 -16.49 -0.58
C GLN A 392 17.29 -15.74 0.44
N ILE A 393 16.67 -14.77 1.12
CA ILE A 393 17.32 -13.98 2.15
C ILE A 393 16.70 -14.34 3.49
N LEU A 394 17.54 -14.58 4.50
CA LEU A 394 17.09 -14.88 5.86
C LEU A 394 17.85 -13.98 6.82
N ILE A 395 17.18 -12.96 7.33
CA ILE A 395 17.78 -12.04 8.30
C ILE A 395 17.79 -12.71 9.67
N SER A 396 18.95 -12.70 10.32
CA SER A 396 19.06 -13.28 11.65
C SER A 396 18.38 -12.40 12.68
N GLY A 397 18.40 -12.85 13.94
CA GLY A 397 17.74 -12.12 15.00
C GLY A 397 18.52 -12.09 16.29
N LEU A 398 17.81 -11.90 17.41
CA LEU A 398 18.43 -11.78 18.73
C LEU A 398 17.97 -12.87 19.67
N SER A 399 17.52 -14.01 19.14
CA SER A 399 17.11 -15.12 19.98
C SER A 399 18.32 -15.89 20.48
N LYS A 400 18.08 -16.86 21.37
CA LYS A 400 19.17 -17.60 21.97
C LYS A 400 19.89 -18.46 20.93
N LYS A 401 21.20 -18.56 21.08
CA LYS A 401 22.05 -19.22 20.10
C LYS A 401 21.84 -20.73 20.13
N PRO A 402 21.42 -21.34 19.03
CA PRO A 402 21.34 -22.81 18.97
C PRO A 402 22.73 -23.43 18.94
N SER A 403 22.76 -24.75 19.06
CA SER A 403 23.99 -25.53 19.10
C SER A 403 24.04 -26.46 17.88
N LEU A 404 25.23 -26.61 17.31
CA LEU A 404 25.43 -27.37 16.09
C LEU A 404 26.42 -28.49 16.35
N LEU A 405 25.92 -29.72 16.48
CA LEU A 405 26.73 -30.91 16.67
C LEU A 405 26.62 -31.82 15.45
N THR A 406 27.64 -32.62 15.21
CA THR A 406 27.71 -33.48 14.03
C THR A 406 27.84 -34.92 14.50
N HIS A 407 26.82 -35.72 14.20
CA HIS A 407 26.94 -37.16 14.36
C HIS A 407 27.97 -37.71 13.38
N GLN A 408 28.55 -38.86 13.73
CA GLN A 408 29.46 -39.63 12.89
C GLN A 408 30.80 -38.92 12.64
N GLY A 409 31.12 -37.88 13.40
CA GLY A 409 32.43 -37.29 13.37
C GLY A 409 32.50 -36.04 12.49
N HIS A 410 33.53 -35.23 12.73
CA HIS A 410 33.75 -34.01 11.95
C HIS A 410 34.47 -34.29 10.63
N ILE A 411 35.72 -34.73 10.71
CA ILE A 411 36.56 -34.90 9.53
C ILE A 411 36.19 -36.20 8.81
N LEU A 412 35.73 -36.08 7.58
CA LEU A 412 35.30 -37.24 6.81
C LEU A 412 36.10 -37.35 5.51
N ASP A 413 36.04 -38.53 4.92
CA ASP A 413 36.64 -38.87 3.63
C ASP A 413 35.54 -39.04 2.58
N PRO A 414 35.87 -38.87 1.30
CA PRO A 414 34.84 -39.04 0.26
C PRO A 414 34.30 -40.46 0.26
N GLY A 415 33.09 -40.60 -0.30
CA GLY A 415 32.37 -41.85 -0.23
C GLY A 415 31.67 -42.09 1.09
N MET A 416 31.57 -41.07 1.94
CA MET A 416 30.86 -41.17 3.21
C MET A 416 29.77 -40.09 3.25
N THR A 417 28.70 -40.39 3.99
CA THR A 417 27.58 -39.47 4.12
C THR A 417 27.59 -38.86 5.52
N LEU A 418 27.46 -37.54 5.59
CA LEU A 418 27.43 -36.81 6.85
C LEU A 418 26.01 -36.30 7.10
N THR A 419 25.48 -36.60 8.29
CA THR A 419 24.17 -36.10 8.71
C THR A 419 24.39 -35.04 9.77
N LEU A 420 24.18 -33.78 9.40
CA LEU A 420 24.32 -32.68 10.34
C LEU A 420 23.11 -32.61 11.25
N GLN A 421 23.31 -32.05 12.44
CA GLN A 421 22.27 -32.01 13.45
C GLN A 421 22.36 -30.72 14.24
N CYS A 422 21.24 -30.02 14.38
CA CYS A 422 21.19 -28.75 15.08
C CYS A 422 20.09 -28.79 16.14
N TYR A 423 20.43 -28.44 17.37
CA TYR A 423 19.45 -28.39 18.44
C TYR A 423 19.59 -27.10 19.22
N SER A 424 18.51 -26.73 19.91
CA SER A 424 18.46 -25.52 20.71
C SER A 424 17.50 -25.75 21.88
N ASP A 425 17.87 -25.23 23.05
CA ASP A 425 17.06 -25.42 24.25
C ASP A 425 15.67 -24.82 24.12
N ILE A 426 15.53 -23.75 23.35
CA ILE A 426 14.22 -23.13 23.13
C ILE A 426 13.46 -23.93 22.08
N ASN A 427 12.16 -24.10 22.30
CA ASN A 427 11.29 -24.85 21.38
C ASN A 427 11.17 -24.10 20.07
N TYR A 428 12.00 -24.46 19.09
CA TYR A 428 11.94 -23.91 17.74
C TYR A 428 11.16 -24.85 16.84
N ASP A 429 10.25 -24.29 16.04
CA ASP A 429 9.44 -25.10 15.14
C ASP A 429 10.19 -25.47 13.87
N ARG A 430 11.05 -24.58 13.37
CA ARG A 430 11.75 -24.81 12.11
C ARG A 430 13.21 -24.38 12.23
N PHE A 431 14.10 -25.17 11.64
CA PHE A 431 15.52 -24.88 11.61
C PHE A 431 15.98 -24.70 10.18
N ALA A 432 17.01 -23.87 10.00
CA ALA A 432 17.59 -23.60 8.69
C ALA A 432 19.10 -23.77 8.76
N LEU A 433 19.67 -24.47 7.77
CA LEU A 433 21.11 -24.65 7.67
C LEU A 433 21.67 -23.75 6.57
N HIS A 434 22.82 -23.13 6.85
CA HIS A 434 23.53 -22.32 5.86
C HIS A 434 24.99 -22.72 5.81
N LYS A 435 25.54 -22.78 4.59
CA LYS A 435 26.95 -23.03 4.36
C LYS A 435 27.60 -21.72 3.95
N VAL A 436 28.66 -21.34 4.67
CA VAL A 436 29.32 -20.07 4.40
C VAL A 436 29.93 -20.09 3.01
N GLY A 437 29.60 -19.07 2.20
CA GLY A 437 30.02 -19.00 0.82
C GLY A 437 29.02 -19.51 -0.18
N GLY A 438 27.96 -20.19 0.27
CA GLY A 438 26.91 -20.64 -0.61
C GLY A 438 25.79 -19.62 -0.76
N ALA A 439 24.84 -19.95 -1.63
CA ALA A 439 23.67 -19.11 -1.88
C ALA A 439 22.37 -19.75 -1.44
N ASP A 440 22.22 -21.05 -1.61
CA ASP A 440 21.00 -21.75 -1.21
C ASP A 440 20.96 -21.91 0.30
N ILE A 441 19.74 -21.99 0.83
CA ILE A 441 19.50 -22.23 2.26
C ILE A 441 18.46 -23.33 2.38
N MET A 442 18.76 -24.34 3.18
CA MET A 442 17.90 -25.50 3.37
C MET A 442 17.05 -25.31 4.63
N GLN A 443 15.75 -25.59 4.51
CA GLN A 443 14.81 -25.45 5.61
C GLN A 443 14.21 -26.82 5.92
N HIS A 444 14.25 -27.20 7.20
CA HIS A 444 13.74 -28.49 7.64
C HIS A 444 12.79 -28.30 8.81
N SER A 445 11.84 -29.23 8.92
CA SER A 445 10.99 -29.29 10.11
C SER A 445 11.80 -29.76 11.30
N SER A 446 11.26 -29.54 12.49
CA SER A 446 11.97 -29.84 13.74
C SER A 446 11.35 -31.04 14.43
N GLN A 447 12.21 -31.87 15.01
CA GLN A 447 11.78 -33.05 15.75
C GLN A 447 12.03 -32.81 17.23
N GLN A 448 11.05 -33.19 18.06
CA GLN A 448 11.11 -32.95 19.50
C GLN A 448 11.68 -34.19 20.17
N THR A 449 12.96 -34.17 20.46
CA THR A 449 13.61 -35.30 21.13
C THR A 449 13.20 -35.36 22.60
N ASP A 450 13.49 -36.50 23.22
CA ASP A 450 13.10 -36.75 24.61
C ASP A 450 13.79 -35.81 25.59
N THR A 451 14.95 -35.27 25.23
CA THR A 451 15.65 -34.37 26.14
C THR A 451 14.91 -33.05 26.35
N GLY A 452 13.93 -32.73 25.51
CA GLY A 452 13.11 -31.56 25.67
C GLY A 452 13.45 -30.40 24.75
N PHE A 453 14.43 -30.57 23.87
CA PHE A 453 14.78 -29.55 22.89
C PHE A 453 14.55 -30.08 21.47
N SER A 454 14.38 -29.14 20.54
CA SER A 454 14.12 -29.48 19.16
C SER A 454 15.39 -29.88 18.44
N VAL A 455 15.25 -30.78 17.47
CA VAL A 455 16.40 -31.31 16.72
C VAL A 455 15.99 -31.45 15.26
N ALA A 456 16.87 -31.00 14.36
CA ALA A 456 16.67 -31.15 12.93
C ALA A 456 17.84 -31.91 12.35
N ASN A 457 17.54 -32.99 11.63
CA ASN A 457 18.55 -33.76 10.90
C ASN A 457 18.74 -33.12 9.53
N PHE A 458 19.98 -32.75 9.22
CA PHE A 458 20.33 -32.17 7.92
C PHE A 458 21.18 -33.17 7.15
N THR A 459 20.51 -33.99 6.33
CA THR A 459 21.21 -34.97 5.53
C THR A 459 21.96 -34.29 4.39
N LEU A 460 23.20 -34.72 4.18
CA LEU A 460 24.04 -34.23 3.09
C LEU A 460 24.42 -35.40 2.20
N GLY A 461 24.43 -35.16 0.89
CA GLY A 461 24.78 -36.20 -0.06
C GLY A 461 26.21 -36.70 0.10
N TYR A 462 26.65 -37.53 -0.85
CA TYR A 462 28.01 -38.06 -0.79
C TYR A 462 29.02 -36.94 -0.70
N VAL A 463 29.89 -37.02 0.32
CA VAL A 463 30.83 -35.94 0.60
C VAL A 463 31.83 -35.83 -0.53
N SER A 464 32.00 -34.61 -1.05
CA SER A 464 32.97 -34.31 -2.09
C SER A 464 33.87 -33.18 -1.60
N SER A 465 34.88 -32.86 -2.41
CA SER A 465 35.84 -31.83 -2.02
C SER A 465 35.16 -30.47 -1.84
N SER A 466 34.15 -30.18 -2.65
CA SER A 466 33.46 -28.89 -2.53
C SER A 466 32.64 -28.80 -1.25
N THR A 467 32.13 -29.93 -0.76
CA THR A 467 31.21 -29.90 0.38
C THR A 467 31.89 -29.37 1.64
N GLY A 468 33.21 -29.53 1.75
CA GLY A 468 33.91 -29.01 2.90
C GLY A 468 33.85 -27.50 2.96
N GLY A 469 33.64 -26.97 4.17
CA GLY A 469 33.51 -25.54 4.36
C GLY A 469 33.11 -25.16 5.77
N GLN A 470 32.13 -24.26 5.89
CA GLN A 470 31.68 -23.79 7.19
C GLN A 470 30.16 -23.70 7.17
N TYR A 471 29.52 -24.47 8.05
CA TYR A 471 28.06 -24.54 8.13
C TYR A 471 27.57 -23.87 9.41
N ARG A 472 26.55 -23.03 9.29
CA ARG A 472 25.91 -22.37 10.41
C ARG A 472 24.44 -22.77 10.47
N CYS A 473 23.83 -22.56 11.63
CA CYS A 473 22.46 -23.00 11.87
C CYS A 473 21.66 -21.90 12.57
N TYR A 474 20.38 -21.82 12.21
CA TYR A 474 19.47 -20.83 12.75
C TYR A 474 18.15 -21.49 13.13
N GLY A 475 17.44 -20.87 14.07
CA GLY A 475 16.15 -21.38 14.51
C GLY A 475 15.02 -20.41 14.29
N ALA A 476 13.78 -20.90 14.26
CA ALA A 476 12.63 -20.04 14.05
C ALA A 476 11.39 -20.66 14.69
N HIS A 477 10.36 -19.85 14.86
CA HIS A 477 9.06 -20.27 15.34
C HIS A 477 8.05 -20.20 14.20
N ASN A 478 6.95 -20.93 14.36
CA ASN A 478 5.92 -20.96 13.31
C ASN A 478 5.27 -19.59 13.13
N LEU A 479 4.59 -19.10 14.17
CA LEU A 479 3.94 -17.81 14.08
C LEU A 479 4.95 -16.69 13.87
N SER A 480 6.16 -16.85 14.41
CA SER A 480 7.20 -15.84 14.24
C SER A 480 7.75 -15.86 12.82
N SER A 481 8.27 -14.70 12.41
CA SER A 481 9.03 -14.59 11.17
C SER A 481 10.45 -14.12 11.43
N GLU A 482 10.84 -13.96 12.69
CA GLU A 482 12.18 -13.56 13.08
C GLU A 482 13.00 -14.79 13.41
N TRP A 483 14.16 -14.92 12.78
CA TRP A 483 15.02 -16.08 13.01
C TRP A 483 15.91 -15.83 14.23
N SER A 484 16.59 -16.90 14.66
CA SER A 484 17.43 -16.82 15.83
C SER A 484 18.80 -16.25 15.49
N ALA A 485 19.68 -16.19 16.48
CA ALA A 485 21.04 -15.77 16.24
C ALA A 485 21.86 -16.90 15.63
N SER A 486 23.08 -16.58 15.22
CA SER A 486 23.93 -17.57 14.58
C SER A 486 24.45 -18.58 15.60
N SER A 487 24.66 -19.80 15.14
CA SER A 487 25.24 -20.86 15.95
C SER A 487 26.73 -20.94 15.71
N GLU A 488 27.47 -21.38 16.72
CA GLU A 488 28.92 -21.39 16.67
C GLU A 488 29.40 -22.08 15.38
N PRO A 489 30.38 -21.50 14.69
CA PRO A 489 30.76 -22.02 13.37
C PRO A 489 31.19 -23.48 13.40
N LEU A 490 30.96 -24.16 12.29
CA LEU A 490 31.24 -25.59 12.15
C LEU A 490 32.09 -25.78 10.90
N ASP A 491 33.36 -26.10 11.09
CA ASP A 491 34.29 -26.30 9.97
C ASP A 491 34.29 -27.76 9.57
N ILE A 492 33.93 -28.02 8.31
CA ILE A 492 33.95 -29.37 7.75
C ILE A 492 35.23 -29.52 6.93
N LEU A 493 36.00 -30.54 7.23
CA LEU A 493 37.30 -30.78 6.61
C LEU A 493 37.24 -32.04 5.75
N ILE A 494 37.90 -32.00 4.60
CA ILE A 494 37.88 -33.08 3.62
C ILE A 494 39.28 -33.68 3.54
N THR A 495 39.37 -34.99 3.66
CA THR A 495 40.62 -35.72 3.63
C THR A 495 40.79 -36.40 2.28
N GLY A 496 42.04 -36.66 1.89
CA GLY A 496 42.32 -37.34 0.65
C GLY A 496 42.48 -36.45 -0.57
N GLN A 497 42.61 -35.13 -0.37
CA GLN A 497 42.72 -34.22 -1.50
C GLN A 497 44.17 -33.91 -1.86
N LEU A 498 45.02 -33.70 -0.86
CA LEU A 498 46.43 -33.42 -1.12
C LEU A 498 47.21 -34.73 -1.21
N PRO A 499 48.08 -34.90 -2.21
CA PRO A 499 48.81 -36.17 -2.34
C PRO A 499 49.75 -36.46 -1.18
N LEU A 500 50.42 -35.43 -0.65
CA LEU A 500 51.40 -35.64 0.40
C LEU A 500 50.75 -36.14 1.69
N THR A 501 51.50 -36.95 2.43
CA THR A 501 50.99 -37.58 3.66
C THR A 501 52.03 -37.40 4.75
N PRO A 502 51.70 -36.73 5.86
CA PRO A 502 52.68 -36.53 6.93
C PRO A 502 52.77 -37.74 7.84
N SER A 503 53.74 -37.69 8.76
CA SER A 503 53.95 -38.73 9.74
C SER A 503 54.07 -38.14 11.15
N LEU A 504 53.61 -38.92 12.14
CA LEU A 504 53.60 -38.52 13.54
C LEU A 504 54.57 -39.38 14.32
N SER A 505 55.17 -38.80 15.37
CA SER A 505 56.12 -39.52 16.22
C SER A 505 55.92 -39.16 17.67
N VAL A 506 56.11 -40.14 18.55
CA VAL A 506 56.11 -39.95 19.99
C VAL A 506 57.48 -40.36 20.55
N LYS A 507 58.00 -39.55 21.47
CA LYS A 507 59.37 -39.70 21.98
C LYS A 507 59.54 -40.63 23.19
N PRO A 508 58.80 -40.43 24.31
CA PRO A 508 59.19 -41.12 25.56
C PRO A 508 59.05 -42.63 25.57
N ASN A 509 57.82 -43.12 25.74
CA ASN A 509 57.57 -44.55 25.89
C ASN A 509 56.23 -44.89 25.28
N HIS A 510 56.06 -46.18 24.96
CA HIS A 510 54.80 -46.63 24.39
C HIS A 510 53.66 -46.48 25.38
N THR A 511 53.93 -46.75 26.65
CA THR A 511 52.95 -46.68 27.74
C THR A 511 53.30 -45.49 28.64
N VAL A 512 52.76 -44.32 28.31
CA VAL A 512 52.98 -43.15 29.16
C VAL A 512 52.21 -43.31 30.47
N HIS A 513 52.73 -42.68 31.53
CA HIS A 513 52.09 -42.73 32.84
C HIS A 513 51.01 -41.66 32.96
N VAL A 518 53.94 -34.87 27.26
CA VAL A 518 54.50 -35.39 26.02
C VAL A 518 54.12 -34.49 24.86
N SER A 519 55.13 -33.97 24.17
CA SER A 519 54.94 -33.17 22.96
C SER A 519 55.17 -34.05 21.73
N LEU A 520 54.14 -34.13 20.88
CA LEU A 520 54.18 -34.93 19.66
C LEU A 520 54.55 -34.05 18.47
N LEU A 521 55.02 -34.71 17.41
CA LEU A 521 55.60 -34.01 16.26
C LEU A 521 55.07 -34.64 14.98
N CYS A 522 54.52 -33.80 14.11
CA CYS A 522 54.10 -34.20 12.77
C CYS A 522 54.99 -33.48 11.76
N TRP A 523 55.58 -34.24 10.83
CA TRP A 523 56.63 -33.75 9.96
C TRP A 523 56.33 -34.07 8.50
N SER A 524 56.88 -33.23 7.61
CA SER A 524 56.71 -33.39 6.17
C SER A 524 57.86 -32.75 5.42
N MET A 525 58.43 -33.46 4.45
CA MET A 525 59.48 -32.90 3.61
C MET A 525 58.98 -31.76 2.72
N ASP A 526 57.75 -31.87 2.24
CA ASP A 526 57.20 -30.87 1.33
C ASP A 526 56.70 -29.65 2.09
N SER A 527 56.65 -28.52 1.39
CA SER A 527 56.19 -27.29 2.01
C SER A 527 54.74 -27.44 2.42
N VAL A 528 54.46 -27.21 3.71
CA VAL A 528 53.12 -27.32 4.27
C VAL A 528 52.91 -26.13 5.19
N ASP A 529 51.79 -25.42 5.01
CA ASP A 529 51.54 -24.21 5.80
C ASP A 529 51.01 -24.55 7.19
N THR A 530 49.97 -25.39 7.26
CA THR A 530 49.37 -25.75 8.53
C THR A 530 49.18 -27.25 8.63
N PHE A 531 49.24 -27.76 9.87
CA PHE A 531 48.99 -29.16 10.17
C PHE A 531 47.74 -29.27 11.04
N ILE A 532 47.03 -30.38 10.90
CA ILE A 532 45.77 -30.59 11.61
C ILE A 532 45.83 -31.91 12.35
N LEU A 533 45.73 -31.85 13.67
CA LEU A 533 45.64 -33.04 14.52
C LEU A 533 44.19 -33.48 14.64
N SER A 534 43.97 -34.79 14.59
CA SER A 534 42.64 -35.36 14.70
C SER A 534 42.62 -36.45 15.77
N LYS A 535 41.51 -36.51 16.50
CA LYS A 535 41.30 -37.54 17.50
C LYS A 535 40.20 -38.48 17.02
N GLU A 536 40.47 -39.79 17.08
CA GLU A 536 39.50 -40.78 16.66
C GLU A 536 38.37 -40.87 17.68
N GLN A 540 35.46 -34.87 18.00
CA GLN A 540 36.38 -33.99 18.71
C GLN A 540 36.79 -32.81 17.82
N GLN A 541 37.04 -31.66 18.42
CA GLN A 541 37.49 -30.48 17.67
C GLN A 541 38.95 -30.64 17.27
N PRO A 542 39.27 -30.62 15.98
CA PRO A 542 40.66 -30.86 15.57
C PRO A 542 41.61 -29.74 15.99
N LEU A 543 42.87 -30.12 16.15
CA LEU A 543 43.94 -29.25 16.62
C LEU A 543 44.75 -28.71 15.45
N ARG A 544 45.14 -27.45 15.52
CA ARG A 544 45.89 -26.77 14.47
C ARG A 544 47.32 -26.52 14.91
N LEU A 545 48.28 -26.89 14.07
CA LEU A 545 49.70 -26.67 14.36
C LEU A 545 50.34 -25.95 13.19
N LYS A 546 51.08 -24.88 13.49
CA LYS A 546 51.90 -24.19 12.50
C LYS A 546 53.26 -24.86 12.35
N SER A 547 53.88 -24.64 11.20
CA SER A 547 55.08 -25.38 10.80
C SER A 547 56.30 -24.46 10.81
N LYS A 548 57.36 -24.92 11.46
CA LYS A 548 58.65 -24.24 11.48
C LYS A 548 59.62 -25.09 10.67
N SER A 549 60.26 -24.49 9.66
CA SER A 549 60.99 -25.26 8.66
C SER A 549 62.49 -25.27 8.99
N HIS A 550 62.90 -26.27 9.79
CA HIS A 550 64.30 -26.59 9.96
C HIS A 550 64.73 -27.55 8.86
N ASP A 551 65.87 -27.25 8.23
CA ASP A 551 66.51 -28.19 7.30
C ASP A 551 65.56 -28.59 6.18
N GLN A 552 64.82 -27.60 5.64
CA GLN A 552 63.91 -27.74 4.51
C GLN A 552 62.69 -28.59 4.83
N GLN A 553 62.57 -29.10 6.06
CA GLN A 553 61.44 -29.92 6.47
C GLN A 553 60.51 -29.12 7.39
N SER A 554 59.21 -29.32 7.23
CA SER A 554 58.22 -28.67 8.07
C SER A 554 57.85 -29.58 9.24
N GLN A 555 57.74 -28.98 10.43
CA GLN A 555 57.50 -29.73 11.65
C GLN A 555 56.74 -28.87 12.65
N ALA A 556 56.13 -29.53 13.64
CA ALA A 556 55.34 -28.82 14.64
C ALA A 556 55.25 -29.64 15.93
N GLU A 557 55.48 -28.99 17.07
CA GLU A 557 55.40 -29.61 18.38
C GLU A 557 54.12 -29.19 19.08
N PHE A 558 53.33 -30.17 19.53
CA PHE A 558 52.08 -29.91 20.26
C PHE A 558 52.25 -30.24 21.74
N SER A 559 52.52 -29.20 22.53
CA SER A 559 52.63 -29.34 23.98
C SER A 559 51.25 -29.40 24.63
N MET A 560 51.15 -30.17 25.72
CA MET A 560 49.91 -30.27 26.48
C MET A 560 50.03 -29.79 27.91
N SER A 561 51.23 -29.84 28.51
CA SER A 561 51.52 -29.43 29.88
C SER A 561 50.80 -30.27 30.94
N ALA A 562 49.95 -31.21 30.51
CA ALA A 562 49.21 -32.06 31.43
C ALA A 562 48.63 -33.21 30.63
N VAL A 563 48.24 -34.27 31.34
CA VAL A 563 47.65 -35.44 30.71
C VAL A 563 46.57 -36.02 31.62
N THR A 564 45.54 -36.62 31.02
CA THR A 564 44.45 -37.25 31.74
C THR A 564 44.12 -38.58 31.05
N SER A 565 43.32 -39.40 31.71
CA SER A 565 42.96 -40.70 31.15
C SER A 565 42.09 -40.55 29.90
N HIS A 566 41.23 -39.54 29.88
CA HIS A 566 40.38 -39.29 28.70
C HIS A 566 41.20 -38.98 27.45
N LEU A 567 42.36 -38.33 27.61
CA LEU A 567 43.18 -37.99 26.46
C LEU A 567 43.86 -39.20 25.83
N SER A 568 43.87 -40.35 26.50
CA SER A 568 44.43 -41.56 25.89
C SER A 568 43.63 -41.91 24.64
N GLY A 569 44.33 -42.19 23.55
CA GLY A 569 43.65 -42.51 22.31
C GLY A 569 44.65 -42.67 21.18
N THR A 570 44.14 -42.56 19.95
CA THR A 570 44.96 -42.66 18.75
C THR A 570 44.84 -41.33 18.01
N TYR A 571 45.98 -40.68 17.81
CA TYR A 571 46.05 -39.33 17.27
C TYR A 571 46.69 -39.35 15.89
N ARG A 572 46.01 -38.74 14.92
CA ARG A 572 46.49 -38.65 13.55
C ARG A 572 46.63 -37.19 13.18
N CYS A 573 47.52 -36.90 12.23
CA CYS A 573 47.74 -35.54 11.76
C CYS A 573 47.52 -35.45 10.26
N TYR A 574 46.98 -34.32 9.82
CA TYR A 574 46.72 -34.04 8.42
C TYR A 574 47.45 -32.77 8.03
N GLY A 575 47.67 -32.59 6.74
CA GLY A 575 48.36 -31.42 6.22
C GLY A 575 47.39 -30.53 5.47
N ALA A 576 47.69 -29.23 5.46
CA ALA A 576 46.84 -28.26 4.80
C ALA A 576 47.71 -27.07 4.36
N GLN A 577 47.22 -26.38 3.34
CA GLN A 577 47.90 -25.21 2.79
C GLN A 577 46.99 -24.00 2.89
N ASN A 578 47.60 -22.81 2.82
CA ASN A 578 46.84 -21.57 2.91
C ASN A 578 45.85 -21.42 1.76
N SER A 579 46.11 -22.07 0.63
CA SER A 579 45.21 -21.96 -0.52
C SER A 579 43.82 -22.48 -0.19
N SER A 580 43.74 -23.56 0.57
CA SER A 580 42.45 -24.15 0.95
C SER A 580 42.47 -24.52 2.42
N PHE A 581 41.69 -23.79 3.22
CA PHE A 581 41.69 -23.99 4.67
C PHE A 581 41.02 -25.30 5.08
N TYR A 582 40.14 -25.85 4.24
CA TYR A 582 39.33 -26.99 4.62
C TYR A 582 39.59 -28.22 3.76
N LEU A 583 40.53 -28.16 2.82
CA LEU A 583 40.95 -29.32 2.04
C LEU A 583 42.22 -29.90 2.65
N LEU A 584 42.09 -31.04 3.31
CA LEU A 584 43.19 -31.65 4.04
C LEU A 584 43.92 -32.67 3.18
N SER A 585 45.07 -33.11 3.66
CA SER A 585 45.85 -34.16 3.00
C SER A 585 45.29 -35.51 3.41
N SER A 586 45.98 -36.58 3.03
CA SER A 586 45.56 -37.92 3.40
C SER A 586 45.95 -38.21 4.85
N ALA A 587 45.48 -39.35 5.35
CA ALA A 587 45.67 -39.70 6.75
C ALA A 587 47.12 -40.09 7.04
N SER A 588 47.53 -39.88 8.29
CA SER A 588 48.85 -40.21 8.78
C SER A 588 48.81 -41.46 9.66
N ALA A 589 49.92 -42.21 9.63
CA ALA A 589 50.01 -43.47 10.36
C ALA A 589 49.64 -43.28 11.82
N PRO A 590 48.79 -44.13 12.39
CA PRO A 590 48.33 -43.92 13.77
C PRO A 590 49.44 -44.03 14.79
N VAL A 591 49.29 -43.28 15.88
CA VAL A 591 50.20 -43.31 17.02
C VAL A 591 49.33 -43.35 18.27
N GLU A 592 49.40 -44.47 19.01
CA GLU A 592 48.53 -44.73 20.15
C GLU A 592 49.28 -44.41 21.45
N LEU A 593 48.65 -43.59 22.30
CA LEU A 593 49.21 -43.23 23.60
C LEU A 593 48.46 -43.95 24.73
N LEU B 4 -44.87 68.61 4.92
CA LEU B 4 -44.51 67.20 4.86
C LEU B 4 -43.00 67.02 4.81
N PRO B 5 -42.48 66.14 5.66
CA PRO B 5 -41.03 65.95 5.73
C PRO B 5 -40.47 65.31 4.46
N LYS B 6 -39.24 65.69 4.12
CA LYS B 6 -38.59 65.17 2.93
C LYS B 6 -38.25 63.69 3.12
N PRO B 7 -38.49 62.86 2.11
CA PRO B 7 -38.18 61.43 2.22
C PRO B 7 -36.69 61.16 2.01
N ILE B 8 -36.31 59.92 2.33
CA ILE B 8 -34.94 59.45 2.17
C ILE B 8 -34.95 58.26 1.21
N LEU B 9 -34.05 58.29 0.23
CA LEU B 9 -33.94 57.24 -0.77
C LEU B 9 -32.68 56.44 -0.54
N ARG B 10 -32.82 55.11 -0.43
CA ARG B 10 -31.69 54.21 -0.25
C ARG B 10 -31.56 53.28 -1.46
N VAL B 11 -30.34 52.78 -1.66
CA VAL B 11 -30.03 51.87 -2.77
C VAL B 11 -29.32 50.65 -2.20
N GLN B 12 -29.65 49.48 -2.73
CA GLN B 12 -28.99 48.23 -2.37
C GLN B 12 -28.77 47.40 -3.63
N PRO B 13 -27.52 47.08 -3.99
CA PRO B 13 -26.28 47.44 -3.30
C PRO B 13 -25.85 48.89 -3.51
N ASP B 14 -24.56 49.15 -3.32
CA ASP B 14 -24.02 50.51 -3.36
C ASP B 14 -24.30 51.17 -4.70
N SER B 15 -24.10 52.49 -4.73
CA SER B 15 -24.47 53.29 -5.90
C SER B 15 -23.66 52.94 -7.15
N VAL B 16 -22.48 52.34 -7.00
CA VAL B 16 -21.66 51.95 -8.13
C VAL B 16 -21.80 50.45 -8.32
N VAL B 17 -22.55 50.04 -9.35
CA VAL B 17 -22.89 48.65 -9.57
C VAL B 17 -22.31 48.18 -10.89
N SER B 18 -21.94 46.91 -10.94
CA SER B 18 -21.53 46.30 -12.19
C SER B 18 -22.74 46.09 -13.10
N ARG B 19 -22.48 45.99 -14.40
CA ARG B 19 -23.54 45.88 -15.38
C ARG B 19 -24.28 44.54 -15.24
N TRP B 20 -25.55 44.55 -15.64
CA TRP B 20 -26.39 43.35 -15.68
C TRP B 20 -26.57 42.71 -14.31
N THR B 21 -26.66 43.55 -13.28
CA THR B 21 -26.89 43.09 -11.92
C THR B 21 -28.14 43.76 -11.35
N LYS B 22 -28.91 43.00 -10.59
CA LYS B 22 -30.17 43.50 -10.05
C LYS B 22 -29.93 44.53 -8.96
N VAL B 23 -30.73 45.60 -8.96
CA VAL B 23 -30.65 46.66 -7.97
C VAL B 23 -32.07 46.98 -7.51
N THR B 24 -32.16 47.52 -6.30
CA THR B 24 -33.45 47.85 -5.71
C THR B 24 -33.35 49.20 -5.00
N PHE B 25 -34.32 50.07 -5.24
CA PHE B 25 -34.38 51.38 -4.60
C PHE B 25 -35.36 51.30 -3.44
N PHE B 26 -34.88 51.61 -2.24
CA PHE B 26 -35.70 51.63 -1.04
C PHE B 26 -36.02 53.08 -0.67
N CYS B 27 -37.30 53.38 -0.56
CA CYS B 27 -37.78 54.72 -0.22
C CYS B 27 -38.39 54.66 1.18
N GLU B 28 -37.58 55.01 2.19
CA GLU B 28 -38.01 54.94 3.58
C GLU B 28 -38.68 56.25 3.98
N GLU B 29 -39.88 56.13 4.55
CA GLU B 29 -40.66 57.28 4.96
C GLU B 29 -41.47 56.92 6.20
N THR B 30 -41.40 57.77 7.22
CA THR B 30 -42.10 57.49 8.47
C THR B 30 -43.62 57.53 8.28
N ILE B 31 -44.11 58.50 7.50
CA ILE B 31 -45.54 58.54 7.21
C ILE B 31 -45.92 57.36 6.33
N GLY B 32 -47.23 57.05 6.32
CA GLY B 32 -47.77 56.02 5.47
C GLY B 32 -48.37 56.63 4.23
N ALA B 33 -47.94 56.15 3.07
CA ALA B 33 -48.27 56.75 1.78
C ALA B 33 -49.04 55.73 0.94
N ASN B 34 -50.09 56.21 0.26
CA ASN B 34 -50.86 55.32 -0.61
C ASN B 34 -50.04 54.90 -1.82
N GLU B 35 -49.22 55.81 -2.35
CA GLU B 35 -48.40 55.50 -3.52
C GLU B 35 -47.06 56.21 -3.42
N TYR B 36 -46.09 55.68 -4.17
CA TYR B 36 -44.74 56.20 -4.25
C TYR B 36 -44.32 56.31 -5.70
N ARG B 37 -43.57 57.35 -6.04
CA ARG B 37 -43.15 57.59 -7.41
C ARG B 37 -41.64 57.80 -7.48
N LEU B 38 -41.00 57.06 -8.37
CA LEU B 38 -39.57 57.18 -8.63
C LEU B 38 -39.33 57.97 -9.91
N TYR B 39 -38.55 59.03 -9.81
CA TYR B 39 -38.25 59.91 -10.94
C TYR B 39 -36.80 59.73 -11.34
N LYS B 40 -36.57 59.34 -12.59
CA LYS B 40 -35.24 59.10 -13.13
C LYS B 40 -34.84 60.25 -14.06
N ASP B 41 -33.79 60.98 -13.67
CA ASP B 41 -33.27 62.10 -14.46
C ASP B 41 -34.33 63.14 -14.76
N GLY B 42 -35.29 63.32 -13.84
CA GLY B 42 -36.33 64.30 -14.03
C GLY B 42 -37.53 63.83 -14.82
N LYS B 43 -37.77 62.52 -14.85
CA LYS B 43 -38.90 61.96 -15.58
C LYS B 43 -39.51 60.83 -14.77
N LEU B 44 -40.83 60.69 -14.86
CA LEU B 44 -41.55 59.63 -14.16
C LEU B 44 -41.10 58.27 -14.67
N TYR B 45 -40.51 57.47 -13.79
CA TYR B 45 -40.00 56.15 -14.15
C TYR B 45 -40.89 55.01 -13.64
N LYS B 46 -41.27 55.03 -12.37
CA LYS B 46 -42.07 53.96 -11.79
C LYS B 46 -43.01 54.52 -10.73
N THR B 47 -44.01 53.71 -10.39
CA THR B 47 -44.99 54.07 -9.37
C THR B 47 -45.38 52.79 -8.64
N VAL B 48 -45.24 52.79 -7.31
CA VAL B 48 -45.56 51.64 -6.48
C VAL B 48 -46.70 52.00 -5.55
N THR B 49 -47.70 51.13 -5.47
CA THR B 49 -48.90 51.32 -4.66
C THR B 49 -48.91 50.32 -3.50
N LYS B 50 -49.03 50.85 -2.29
CA LYS B 50 -49.12 50.07 -1.04
C LYS B 50 -47.87 49.18 -0.92
N ASN B 51 -48.04 47.92 -0.49
CA ASN B 51 -46.94 47.02 -0.25
C ASN B 51 -47.42 45.56 -0.22
N ASN B 57 -44.32 50.75 5.45
CA ASN B 57 -44.25 52.19 5.21
C ASN B 57 -43.17 52.51 4.19
N LYS B 58 -42.42 51.49 3.76
CA LYS B 58 -41.36 51.65 2.79
C LYS B 58 -41.70 50.87 1.53
N ALA B 59 -41.42 51.46 0.37
CA ALA B 59 -41.71 50.85 -0.92
C ALA B 59 -40.42 50.55 -1.66
N GLU B 60 -40.46 49.53 -2.52
CA GLU B 60 -39.30 49.08 -3.26
C GLU B 60 -39.47 49.33 -4.76
N PHE B 61 -38.35 49.54 -5.44
CA PHE B 61 -38.30 49.69 -6.90
C PHE B 61 -37.20 48.77 -7.40
N SER B 62 -37.59 47.60 -7.90
CA SER B 62 -36.63 46.59 -8.35
C SER B 62 -36.32 46.80 -9.83
N LEU B 63 -35.03 46.95 -10.15
CA LEU B 63 -34.55 47.09 -11.52
C LEU B 63 -33.61 45.94 -11.81
N SER B 64 -34.18 44.80 -12.20
CA SER B 64 -33.37 43.63 -12.49
C SER B 64 -32.62 43.83 -13.81
N ASN B 65 -31.36 43.39 -13.84
CA ASN B 65 -30.51 43.48 -15.01
C ASN B 65 -30.37 44.93 -15.49
N VAL B 66 -29.58 45.71 -14.76
CA VAL B 66 -29.39 47.12 -15.08
C VAL B 66 -28.48 47.25 -16.29
N ASP B 67 -28.92 47.99 -17.29
CA ASP B 67 -28.12 48.26 -18.48
C ASP B 67 -27.48 49.65 -18.37
N LEU B 68 -26.72 50.02 -19.40
CA LEU B 68 -26.06 51.32 -19.38
C LEU B 68 -27.06 52.47 -19.42
N SER B 69 -28.21 52.26 -20.05
CA SER B 69 -29.20 53.33 -20.15
C SER B 69 -29.86 53.62 -18.81
N ASN B 70 -29.94 52.62 -17.93
CA ASN B 70 -30.59 52.80 -16.64
C ASN B 70 -29.79 53.65 -15.67
N ALA B 71 -28.52 53.89 -15.95
CA ALA B 71 -27.69 54.70 -15.07
C ALA B 71 -28.09 56.17 -15.14
N GLY B 72 -28.13 56.83 -13.99
CA GLY B 72 -28.48 58.23 -13.94
C GLY B 72 -28.93 58.63 -12.55
N GLN B 73 -29.49 59.84 -12.50
CA GLN B 73 -29.99 60.39 -11.24
C GLN B 73 -31.41 59.92 -10.97
N TYR B 74 -31.70 59.60 -9.71
CA TYR B 74 -33.00 59.09 -9.30
C TYR B 74 -33.53 59.85 -8.09
N GLU B 75 -34.85 60.05 -8.06
CA GLU B 75 -35.53 60.74 -6.97
C GLU B 75 -36.78 59.95 -6.59
N CYS B 76 -37.09 59.92 -5.30
CA CYS B 76 -38.31 59.28 -4.82
C CYS B 76 -39.26 60.29 -4.21
N SER B 77 -40.55 60.14 -4.51
CA SER B 77 -41.62 60.95 -3.94
C SER B 77 -42.67 60.03 -3.34
N TYR B 78 -43.24 60.44 -2.22
CA TYR B 78 -44.32 59.72 -1.55
C TYR B 78 -45.56 60.59 -1.53
N SER B 79 -46.73 59.96 -1.69
CA SER B 79 -47.97 60.71 -1.80
C SER B 79 -49.07 60.09 -0.93
N THR B 80 -49.80 60.97 -0.25
CA THR B 80 -51.10 60.65 0.34
C THR B 80 -52.20 61.13 -0.59
N GLN B 81 -53.41 60.61 -0.37
CA GLN B 81 -54.55 61.09 -1.15
C GLN B 81 -54.75 62.59 -0.94
N TYR B 82 -54.66 63.06 0.30
CA TYR B 82 -54.94 64.47 0.57
C TYR B 82 -53.83 65.37 0.06
N LYS B 83 -52.57 64.96 0.18
CA LYS B 83 -51.46 65.80 -0.26
C LYS B 83 -50.21 64.97 -0.55
N SER B 84 -49.40 65.49 -1.47
CA SER B 84 -48.04 65.03 -1.71
C SER B 84 -47.13 66.24 -1.76
N SER B 85 -45.90 66.10 -1.27
CA SER B 85 -45.07 67.28 -1.10
C SER B 85 -43.58 67.07 -1.36
N GLY B 86 -43.00 66.00 -0.82
CA GLY B 86 -41.56 65.90 -0.68
C GLY B 86 -40.87 65.20 -1.85
N TYR B 87 -39.77 65.80 -2.30
CA TYR B 87 -38.81 65.16 -3.19
C TYR B 87 -37.52 64.90 -2.42
N SER B 88 -36.91 63.75 -2.66
CA SER B 88 -35.72 63.33 -1.93
C SER B 88 -34.45 63.76 -2.64
N ASP B 89 -33.35 63.78 -1.89
CA ASP B 89 -32.05 64.09 -2.46
C ASP B 89 -31.65 63.03 -3.48
N PRO B 90 -31.24 63.42 -4.69
CA PRO B 90 -30.98 62.42 -5.74
C PRO B 90 -29.72 61.60 -5.45
N LEU B 91 -29.84 60.29 -5.68
CA LEU B 91 -28.73 59.35 -5.57
C LEU B 91 -28.30 58.91 -6.95
N LYS B 92 -27.04 59.19 -7.30
CA LYS B 92 -26.49 58.85 -8.60
C LYS B 92 -26.20 57.36 -8.71
N LEU B 93 -26.85 56.69 -9.65
CA LEU B 93 -26.62 55.28 -9.94
C LEU B 93 -25.66 55.17 -11.11
N VAL B 94 -24.50 54.54 -10.89
CA VAL B 94 -23.45 54.44 -11.89
C VAL B 94 -23.27 52.97 -12.27
N VAL B 95 -23.29 52.70 -13.57
CA VAL B 95 -23.05 51.36 -14.11
C VAL B 95 -21.63 51.28 -14.63
N THR B 96 -20.95 50.18 -14.29
CA THR B 96 -19.57 49.91 -14.70
C THR B 96 -19.59 48.80 -15.75
N GLY B 97 -18.85 48.99 -16.83
CA GLY B 97 -18.75 47.98 -17.85
C GLY B 97 -17.91 46.79 -17.40
N HIS B 98 -17.89 45.76 -18.23
CA HIS B 98 -17.19 44.52 -17.91
C HIS B 98 -15.87 44.42 -18.68
N TYR B 99 -15.00 43.55 -18.20
CA TYR B 99 -13.71 43.37 -18.82
C TYR B 99 -13.85 42.59 -20.11
N TRP B 100 -12.87 42.73 -20.98
CA TRP B 100 -12.94 42.01 -22.24
C TRP B 100 -12.22 40.68 -22.17
N THR B 101 -11.45 40.44 -21.11
CA THR B 101 -10.68 39.22 -20.99
C THR B 101 -11.64 38.06 -20.80
N PRO B 102 -11.50 36.97 -21.55
CA PRO B 102 -12.39 35.83 -21.43
C PRO B 102 -11.89 34.86 -20.37
N SER B 103 -12.77 33.95 -19.98
CA SER B 103 -12.46 32.92 -18.99
C SER B 103 -12.43 31.57 -19.69
N LEU B 104 -11.39 30.79 -19.41
CA LEU B 104 -11.20 29.46 -19.98
C LEU B 104 -11.15 28.47 -18.84
N LEU B 105 -12.07 27.51 -18.85
CA LEU B 105 -12.18 26.52 -17.78
C LEU B 105 -12.23 25.12 -18.37
N ALA B 106 -11.41 24.23 -17.82
CA ALA B 106 -11.51 22.82 -18.17
C ALA B 106 -12.86 22.29 -17.67
N GLN B 107 -13.80 22.08 -18.58
CA GLN B 107 -15.16 21.76 -18.19
C GLN B 107 -15.25 20.45 -17.42
N ALA B 108 -14.42 19.48 -17.77
CA ALA B 108 -14.31 18.26 -16.98
C ALA B 108 -13.07 18.34 -16.10
N SER B 109 -11.92 18.03 -16.67
CA SER B 109 -10.64 18.11 -15.98
C SER B 109 -9.53 18.14 -17.03
N PRO B 110 -8.37 18.70 -16.71
CA PRO B 110 -7.27 18.73 -17.68
C PRO B 110 -6.75 17.35 -18.07
N VAL B 111 -7.20 16.28 -17.41
CA VAL B 111 -6.69 14.95 -17.69
C VAL B 111 -7.17 14.50 -19.07
N VAL B 112 -6.24 14.01 -19.88
CA VAL B 112 -6.55 13.50 -21.21
C VAL B 112 -5.67 12.29 -21.48
N THR B 113 -6.27 11.22 -22.00
CA THR B 113 -5.48 10.09 -22.49
C THR B 113 -4.98 10.38 -23.90
N SER B 114 -3.83 9.80 -24.23
CA SER B 114 -3.18 10.09 -25.51
C SER B 114 -4.09 9.77 -26.68
N GLY B 115 -4.27 10.76 -27.55
CA GLY B 115 -5.16 10.62 -28.69
C GLY B 115 -6.60 11.01 -28.43
N GLY B 116 -6.87 11.73 -27.35
CA GLY B 116 -8.22 12.09 -26.98
C GLY B 116 -8.44 13.59 -26.94
N TYR B 117 -9.67 13.96 -26.61
CA TYR B 117 -10.12 15.34 -26.57
C TYR B 117 -10.55 15.72 -25.16
N VAL B 118 -10.35 17.00 -24.82
CA VAL B 118 -10.85 17.58 -23.58
C VAL B 118 -11.64 18.84 -23.93
N THR B 119 -12.88 18.91 -23.42
CA THR B 119 -13.75 20.03 -23.75
C THR B 119 -13.45 21.21 -22.85
N LEU B 120 -13.19 22.37 -23.46
CA LEU B 120 -12.93 23.60 -22.74
C LEU B 120 -14.00 24.62 -23.10
N GLN B 121 -14.56 25.28 -22.09
CA GLN B 121 -15.58 26.31 -22.27
C GLN B 121 -14.96 27.68 -22.06
N CYS B 122 -15.15 28.57 -23.04
CA CYS B 122 -14.63 29.93 -23.00
C CYS B 122 -15.81 30.90 -22.94
N GLU B 123 -15.97 31.60 -21.83
CA GLU B 123 -17.03 32.56 -21.63
C GLU B 123 -16.47 33.97 -21.58
N SER B 124 -17.31 34.94 -21.92
CA SER B 124 -16.92 36.34 -21.90
C SER B 124 -18.18 37.20 -21.95
N TRP B 125 -17.99 38.50 -21.75
CA TRP B 125 -19.05 39.50 -21.74
C TRP B 125 -19.16 40.26 -23.06
N HIS B 126 -18.65 39.69 -24.15
CA HIS B 126 -18.66 40.40 -25.42
C HIS B 126 -19.93 40.10 -26.21
N ASN B 127 -20.33 41.07 -27.03
CA ASN B 127 -21.25 40.84 -28.12
C ASN B 127 -20.52 40.31 -29.35
N ASP B 128 -19.32 39.77 -29.12
CA ASP B 128 -18.49 39.20 -30.18
C ASP B 128 -19.09 37.91 -30.69
N HIS B 129 -19.06 37.74 -32.02
CA HIS B 129 -19.67 36.55 -32.60
C HIS B 129 -18.82 35.30 -32.42
N LYS B 130 -17.49 35.42 -32.44
CA LYS B 130 -16.63 34.26 -32.53
C LYS B 130 -15.58 34.22 -31.43
N PHE B 131 -15.25 33.00 -31.00
CA PHE B 131 -14.18 32.71 -30.05
C PHE B 131 -13.08 31.92 -30.73
N ILE B 132 -11.88 32.01 -30.17
CA ILE B 132 -10.71 31.31 -30.71
C ILE B 132 -9.94 30.66 -29.56
N LEU B 133 -9.55 29.40 -29.74
CA LEU B 133 -8.67 28.70 -28.80
C LEU B 133 -7.38 28.36 -29.51
N THR B 134 -6.26 28.84 -28.96
CA THR B 134 -4.94 28.61 -29.55
C THR B 134 -4.08 27.81 -28.58
N VAL B 135 -3.23 26.95 -29.13
CA VAL B 135 -2.31 26.12 -28.36
C VAL B 135 -0.88 26.62 -28.57
N GLU B 136 -0.12 26.69 -27.48
CA GLU B 136 1.28 27.14 -27.52
C GLU B 136 2.15 25.99 -27.98
N GLY B 137 2.59 26.05 -29.24
CA GLY B 137 3.44 25.02 -29.80
C GLY B 137 4.19 25.52 -31.03
N PRO B 138 5.07 24.69 -31.57
CA PRO B 138 5.77 25.09 -32.81
C PRO B 138 4.82 25.33 -33.96
N GLN B 139 3.91 24.41 -34.22
CA GLN B 139 2.79 24.64 -35.13
C GLN B 139 1.64 25.24 -34.34
N LYS B 140 0.95 26.21 -34.95
CA LYS B 140 -0.15 26.91 -34.29
C LYS B 140 -1.47 26.33 -34.77
N LEU B 141 -2.25 25.79 -33.84
CA LEU B 141 -3.56 25.21 -34.13
C LEU B 141 -4.63 26.12 -33.55
N SER B 142 -5.67 26.39 -34.36
CA SER B 142 -6.71 27.32 -33.99
C SER B 142 -8.07 26.67 -34.20
N TRP B 143 -9.00 26.97 -33.28
CA TRP B 143 -10.39 26.53 -33.39
C TRP B 143 -11.28 27.76 -33.29
N THR B 144 -12.24 27.86 -34.21
CA THR B 144 -13.13 29.01 -34.29
C THR B 144 -14.55 28.56 -34.00
N GLN B 145 -15.18 29.17 -33.00
CA GLN B 145 -16.54 28.83 -32.59
C GLN B 145 -17.38 30.11 -32.48
N ASP B 146 -18.68 29.96 -32.70
CA ASP B 146 -19.60 31.08 -32.55
C ASP B 146 -20.04 31.23 -31.10
N SER B 147 -20.36 32.46 -30.71
CA SER B 147 -20.70 32.77 -29.33
C SER B 147 -22.16 32.43 -29.05
N GLN B 148 -22.38 31.52 -28.10
CA GLN B 148 -23.71 31.21 -27.60
C GLN B 148 -24.02 32.04 -26.37
N TYR B 149 -25.29 32.40 -26.23
CA TYR B 149 -25.75 33.28 -25.15
C TYR B 149 -26.59 32.46 -24.17
N ASN B 150 -26.18 32.48 -22.91
CA ASN B 150 -26.92 31.81 -21.84
C ASN B 150 -27.77 32.84 -21.11
N TYR B 151 -29.10 32.69 -21.20
CA TYR B 151 -30.00 33.67 -20.60
C TYR B 151 -29.94 33.65 -19.08
N SER B 152 -29.62 32.50 -18.48
CA SER B 152 -29.58 32.40 -17.03
C SER B 152 -28.36 33.13 -16.46
N THR B 153 -27.18 32.81 -16.97
CA THR B 153 -25.95 33.43 -16.48
C THR B 153 -25.67 34.78 -17.13
N ARG B 154 -26.41 35.16 -18.17
CA ARG B 154 -26.26 36.44 -18.84
C ARG B 154 -24.83 36.65 -19.33
N LYS B 155 -24.28 35.63 -19.98
CA LYS B 155 -22.89 35.65 -20.43
C LYS B 155 -22.76 34.90 -21.73
N TYR B 156 -21.91 35.41 -22.62
CA TYR B 156 -21.66 34.78 -23.91
C TYR B 156 -20.51 33.78 -23.78
N HIS B 157 -20.71 32.58 -24.31
CA HIS B 157 -19.75 31.50 -24.14
C HIS B 157 -19.65 30.69 -25.43
N ALA B 158 -18.66 29.78 -25.45
CA ALA B 158 -18.47 28.86 -26.56
C ALA B 158 -17.62 27.70 -26.08
N LEU B 159 -18.03 26.48 -26.43
CA LEU B 159 -17.32 25.27 -26.02
C LEU B 159 -16.34 24.85 -27.12
N PHE B 160 -15.12 24.53 -26.71
CA PHE B 160 -14.09 23.99 -27.60
C PHE B 160 -13.76 22.56 -27.20
N SER B 161 -13.42 21.75 -28.19
CA SER B 161 -12.98 20.37 -27.98
C SER B 161 -11.62 20.21 -28.64
N VAL B 162 -10.56 20.59 -27.90
CA VAL B 162 -9.21 20.49 -28.43
C VAL B 162 -8.80 19.03 -28.56
N GLY B 163 -7.92 18.76 -29.52
CA GLY B 163 -7.46 17.42 -29.79
C GLY B 163 -7.33 17.14 -31.27
N PRO B 164 -6.84 15.94 -31.63
CA PRO B 164 -6.40 14.88 -30.70
C PRO B 164 -5.08 15.20 -30.02
N VAL B 165 -5.00 14.88 -28.72
CA VAL B 165 -3.84 15.22 -27.91
C VAL B 165 -2.78 14.14 -28.09
N THR B 166 -1.61 14.54 -28.58
CA THR B 166 -0.51 13.60 -28.71
C THR B 166 0.39 13.67 -27.49
N PRO B 167 0.88 12.53 -26.99
CA PRO B 167 1.67 12.52 -25.76
C PRO B 167 3.09 13.05 -25.89
N ASN B 168 3.47 13.62 -27.04
CA ASN B 168 4.80 14.16 -27.23
C ASN B 168 4.88 15.67 -27.10
N GLN B 169 3.74 16.37 -27.22
CA GLN B 169 3.71 17.82 -27.22
C GLN B 169 3.07 18.31 -25.92
N ARG B 170 3.58 19.42 -25.41
CA ARG B 170 3.02 20.09 -24.24
C ARG B 170 1.92 21.03 -24.68
N TRP B 171 0.73 20.87 -24.10
CA TRP B 171 -0.47 21.57 -24.52
C TRP B 171 -0.81 22.68 -23.53
N ILE B 172 -0.70 23.93 -23.98
CA ILE B 172 -1.06 25.10 -23.19
C ILE B 172 -2.05 25.92 -24.03
N CYS B 173 -3.25 26.13 -23.49
CA CYS B 173 -4.35 26.73 -24.24
C CYS B 173 -4.63 28.15 -23.76
N ARG B 174 -4.89 29.04 -24.72
CA ARG B 174 -5.32 30.41 -24.45
C ARG B 174 -6.49 30.74 -25.36
N CYS B 175 -7.46 31.49 -24.84
CA CYS B 175 -8.69 31.81 -25.56
C CYS B 175 -8.74 33.27 -25.95
N TYR B 176 -9.25 33.54 -27.16
CA TYR B 176 -9.49 34.88 -27.65
C TYR B 176 -10.89 34.95 -28.25
N SER B 177 -11.44 36.16 -28.30
CA SER B 177 -12.72 36.41 -28.93
C SER B 177 -12.68 37.70 -29.73
N TYR B 178 -13.44 37.75 -30.82
CA TYR B 178 -13.50 38.96 -31.63
C TYR B 178 -14.75 38.93 -32.50
N ASP B 179 -14.95 40.02 -33.23
CA ASP B 179 -15.90 40.10 -34.32
C ASP B 179 -15.12 40.19 -35.63
N ARG B 180 -15.78 39.84 -36.73
CA ARG B 180 -15.07 39.70 -38.00
C ARG B 180 -14.46 41.02 -38.46
N ASN B 181 -15.24 42.12 -38.42
CA ASN B 181 -14.78 43.40 -38.96
C ASN B 181 -15.12 44.54 -37.98
N ARG B 182 -14.38 44.60 -36.87
CA ARG B 182 -14.50 45.67 -35.89
C ARG B 182 -13.12 46.20 -35.51
N PRO B 183 -12.98 47.53 -35.43
CA PRO B 183 -11.67 48.15 -35.13
C PRO B 183 -10.90 47.57 -33.95
N TYR B 184 -11.54 47.27 -32.82
CA TYR B 184 -10.83 46.77 -31.63
C TYR B 184 -10.17 45.41 -31.86
N VAL B 185 -10.32 44.85 -33.05
CA VAL B 185 -9.78 43.56 -33.50
C VAL B 185 -9.89 42.48 -32.42
N TRP B 186 -8.76 42.03 -31.88
CA TRP B 186 -8.76 40.89 -30.98
C TRP B 186 -8.93 41.34 -29.52
N SER B 187 -9.48 40.43 -28.70
CA SER B 187 -9.60 40.56 -27.26
C SER B 187 -8.32 40.11 -26.56
N PRO B 188 -8.11 40.53 -25.32
CA PRO B 188 -6.98 40.04 -24.52
C PRO B 188 -7.13 38.54 -24.26
N PRO B 189 -6.03 37.84 -23.96
CA PRO B 189 -6.10 36.40 -23.80
C PRO B 189 -6.61 35.99 -22.42
N SER B 190 -7.07 34.74 -22.34
CA SER B 190 -7.47 34.16 -21.07
C SER B 190 -6.26 33.60 -20.33
N GLU B 191 -6.50 33.12 -19.11
CA GLU B 191 -5.47 32.44 -18.34
C GLU B 191 -5.10 31.12 -18.99
N SER B 192 -3.80 30.82 -19.01
CA SER B 192 -3.32 29.60 -19.65
C SER B 192 -3.82 28.36 -18.91
N VAL B 193 -4.57 27.52 -19.60
CA VAL B 193 -5.07 26.26 -19.07
C VAL B 193 -4.27 25.14 -19.74
N GLU B 194 -3.45 24.44 -18.96
CA GLU B 194 -2.58 23.40 -19.47
C GLU B 194 -3.22 22.03 -19.26
N LEU B 195 -3.24 21.23 -20.33
CA LEU B 195 -3.81 19.90 -20.27
C LEU B 195 -2.82 18.91 -19.66
N LEU B 196 -3.36 17.93 -18.93
CA LEU B 196 -2.57 16.86 -18.32
C LEU B 196 -2.75 15.59 -19.15
N VAL B 197 -1.67 15.15 -19.80
CA VAL B 197 -1.71 14.03 -20.73
C VAL B 197 -1.28 12.76 -20.01
N SER B 198 -2.02 11.67 -20.25
CA SER B 198 -1.67 10.36 -19.72
C SER B 198 -0.75 9.68 -20.73
N GLY B 199 0.54 9.89 -20.55
CA GLY B 199 1.53 9.37 -21.47
C GLY B 199 1.70 7.86 -21.37
N ASN B 200 2.74 7.37 -22.04
CA ASN B 200 3.06 5.95 -22.04
C ASN B 200 4.33 5.61 -21.29
N LEU B 201 5.14 6.60 -20.91
CA LEU B 201 6.38 6.35 -20.20
C LEU B 201 6.11 5.88 -18.78
N GLN B 202 7.19 5.63 -18.05
CA GLN B 202 7.10 5.07 -16.70
C GLN B 202 6.49 6.09 -15.74
N LYS B 203 5.71 5.58 -14.78
CA LYS B 203 4.97 6.42 -13.84
C LYS B 203 5.88 6.92 -12.72
N PRO B 204 5.71 8.16 -12.29
CA PRO B 204 6.44 8.64 -11.12
C PRO B 204 5.86 8.06 -9.85
N THR B 205 6.68 8.05 -8.79
CA THR B 205 6.29 7.51 -7.50
C THR B 205 5.95 8.67 -6.56
N ILE B 206 4.67 8.80 -6.21
CA ILE B 206 4.20 9.91 -5.37
C ILE B 206 4.20 9.46 -3.92
N LYS B 207 4.69 10.33 -3.04
CA LYS B 207 4.81 10.03 -1.62
C LYS B 207 4.42 11.25 -0.80
N ALA B 208 4.09 11.00 0.47
CA ALA B 208 3.81 12.05 1.43
C ALA B 208 4.68 11.83 2.66
N GLU B 209 5.60 12.76 2.93
CA GLU B 209 6.55 12.58 4.03
C GLU B 209 5.88 12.53 5.40
N PRO B 210 5.00 13.47 5.77
CA PRO B 210 4.35 13.35 7.08
C PRO B 210 3.39 12.17 7.16
N GLY B 211 2.73 11.84 6.05
CA GLY B 211 1.76 10.76 6.02
C GLY B 211 0.56 11.10 5.18
N SER B 212 -0.35 10.14 5.02
CA SER B 212 -1.59 10.36 4.29
C SER B 212 -2.71 10.89 5.18
N VAL B 213 -2.54 10.86 6.49
CA VAL B 213 -3.54 11.35 7.44
C VAL B 213 -2.90 12.49 8.23
N ILE B 214 -3.45 13.69 8.07
CA ILE B 214 -2.92 14.90 8.72
C ILE B 214 -4.07 15.64 9.37
N THR B 215 -3.84 16.15 10.58
CA THR B 215 -4.81 16.99 11.23
C THR B 215 -4.91 18.34 10.53
N SER B 216 -6.08 18.98 10.66
CA SER B 216 -6.36 20.20 9.92
C SER B 216 -5.40 21.33 10.33
N LYS B 217 -5.23 22.29 9.43
CA LYS B 217 -4.47 23.51 9.64
C LYS B 217 -2.99 23.23 9.92
N ARG B 218 -2.49 22.08 9.48
CA ARG B 218 -1.07 21.75 9.60
C ARG B 218 -0.45 21.64 8.21
N ALA B 219 0.89 21.62 8.19
CA ALA B 219 1.64 21.60 6.94
C ALA B 219 1.97 20.18 6.52
N MET B 220 2.16 20.00 5.22
CA MET B 220 2.54 18.70 4.66
C MET B 220 3.20 18.94 3.31
N THR B 221 3.91 17.93 2.84
CA THR B 221 4.62 17.98 1.56
C THR B 221 4.25 16.77 0.72
N ILE B 222 4.15 16.99 -0.60
CA ILE B 222 3.84 15.94 -1.56
C ILE B 222 4.94 15.92 -2.60
N TRP B 223 5.68 14.82 -2.66
CA TRP B 223 6.80 14.67 -3.57
C TRP B 223 6.57 13.44 -4.45
N CYS B 224 6.81 13.59 -5.76
CA CYS B 224 6.80 12.45 -6.67
C CYS B 224 8.13 12.40 -7.41
N GLN B 225 8.82 11.26 -7.28
CA GLN B 225 10.12 11.04 -7.90
C GLN B 225 9.95 10.07 -9.06
N GLY B 226 10.26 10.54 -10.27
CA GLY B 226 10.09 9.72 -11.46
C GLY B 226 11.35 9.55 -12.28
N ASN B 227 11.21 9.62 -13.60
CA ASN B 227 12.35 9.48 -14.50
C ASN B 227 13.32 10.62 -14.33
N LEU B 228 14.59 10.35 -14.64
CA LEU B 228 15.64 11.35 -14.53
C LEU B 228 15.70 12.30 -15.73
N ASP B 229 14.86 12.08 -16.74
CA ASP B 229 14.76 12.98 -17.88
C ASP B 229 13.52 13.86 -17.82
N ALA B 230 12.90 13.97 -16.65
CA ALA B 230 11.69 14.76 -16.48
C ALA B 230 12.02 16.25 -16.46
N GLU B 231 10.99 17.07 -16.65
CA GLU B 231 11.16 18.51 -16.66
C GLU B 231 10.18 19.20 -15.73
N VAL B 232 8.89 18.88 -15.87
CA VAL B 232 7.83 19.52 -15.09
C VAL B 232 6.94 18.43 -14.50
N TYR B 233 6.65 18.55 -13.21
CA TYR B 233 5.71 17.67 -12.52
C TYR B 233 4.43 18.44 -12.23
N PHE B 234 3.30 17.76 -12.40
CA PHE B 234 1.98 18.33 -12.13
C PHE B 234 1.30 17.51 -11.05
N LEU B 235 0.78 18.19 -10.03
CA LEU B 235 0.07 17.56 -8.93
C LEU B 235 -1.41 17.87 -9.09
N HIS B 236 -2.17 16.89 -9.58
CA HIS B 236 -3.59 17.07 -9.88
C HIS B 236 -4.43 16.46 -8.77
N ASN B 237 -5.21 17.31 -8.10
CA ASN B 237 -6.21 16.84 -7.15
C ASN B 237 -7.47 16.43 -7.89
N GLU B 238 -8.10 15.35 -7.43
CA GLU B 238 -9.35 14.92 -8.05
C GLU B 238 -10.53 15.81 -7.66
N GLY B 239 -10.31 16.83 -6.83
CA GLY B 239 -11.29 17.86 -6.58
C GLY B 239 -11.10 19.04 -7.51
N SER B 240 -10.57 18.77 -8.71
CA SER B 240 -10.35 19.76 -9.76
C SER B 240 -9.41 20.87 -9.27
N GLN B 241 -8.18 20.46 -8.95
CA GLN B 241 -7.10 21.39 -8.63
C GLN B 241 -5.81 20.89 -9.29
N LYS B 242 -4.90 21.83 -9.53
CA LYS B 242 -3.67 21.51 -10.26
C LYS B 242 -2.57 22.45 -9.83
N THR B 243 -1.46 21.88 -9.35
CA THR B 243 -0.26 22.63 -9.01
C THR B 243 0.86 22.22 -9.94
N GLN B 244 1.66 23.20 -10.37
CA GLN B 244 2.72 23.00 -11.35
C GLN B 244 4.07 23.34 -10.72
N SER B 245 5.04 22.45 -10.89
CA SER B 245 6.38 22.65 -10.37
C SER B 245 7.40 22.35 -11.46
N THR B 246 8.31 23.31 -11.68
CA THR B 246 9.39 23.15 -12.66
C THR B 246 10.75 22.98 -11.99
N GLN B 247 11.06 23.83 -11.01
CA GLN B 247 12.32 23.73 -10.28
C GLN B 247 12.25 22.52 -9.34
N THR B 248 12.94 21.45 -9.70
CA THR B 248 12.97 20.23 -8.91
C THR B 248 14.38 19.98 -8.38
N LEU B 249 14.45 19.43 -7.17
CA LEU B 249 15.74 19.11 -6.57
C LEU B 249 16.45 18.05 -7.40
N GLN B 250 17.64 18.38 -7.90
CA GLN B 250 18.36 17.44 -8.76
C GLN B 250 18.98 16.30 -7.98
N GLN B 251 19.32 16.52 -6.71
CA GLN B 251 19.96 15.49 -5.91
C GLN B 251 19.05 15.01 -4.80
N PRO B 252 18.77 13.70 -4.71
CA PRO B 252 19.21 12.69 -5.67
C PRO B 252 18.12 12.35 -6.69
N GLY B 253 18.43 12.54 -7.97
CA GLY B 253 17.44 12.34 -9.01
C GLY B 253 16.41 13.45 -9.02
N ASN B 254 15.42 13.30 -9.90
CA ASN B 254 14.38 14.31 -10.05
C ASN B 254 13.30 14.11 -9.01
N LYS B 255 13.09 15.13 -8.17
CA LYS B 255 12.08 15.11 -7.13
C LYS B 255 11.31 16.42 -7.16
N GLY B 256 10.00 16.34 -7.40
CA GLY B 256 9.17 17.51 -7.47
C GLY B 256 8.54 17.90 -6.15
N LYS B 257 8.86 19.10 -5.67
CA LYS B 257 8.32 19.56 -4.39
C LYS B 257 6.94 20.16 -4.54
N PHE B 258 6.04 19.80 -3.62
CA PHE B 258 4.73 20.42 -3.52
C PHE B 258 4.42 20.61 -2.03
N PHE B 259 4.34 21.86 -1.59
CA PHE B 259 4.16 22.20 -0.19
C PHE B 259 2.79 22.83 0.03
N ILE B 260 2.13 22.43 1.10
CA ILE B 260 0.84 22.97 1.51
C ILE B 260 1.02 23.57 2.91
N PRO B 261 0.78 24.87 3.09
CA PRO B 261 1.02 25.49 4.41
C PRO B 261 0.06 25.00 5.49
N SER B 262 -1.23 24.98 5.18
CA SER B 262 -2.25 24.55 6.13
C SER B 262 -3.30 23.74 5.39
N MET B 263 -3.61 22.54 5.91
CA MET B 263 -4.57 21.66 5.27
C MET B 263 -5.99 22.10 5.58
N THR B 264 -6.84 22.13 4.56
CA THR B 264 -8.25 22.48 4.72
C THR B 264 -9.11 21.47 3.98
N ARG B 265 -10.40 21.77 3.82
CA ARG B 265 -11.29 20.87 3.09
C ARG B 265 -10.93 20.79 1.62
N GLN B 266 -10.49 21.91 1.03
CA GLN B 266 -10.19 21.96 -0.39
C GLN B 266 -8.88 21.27 -0.75
N HIS B 267 -8.09 20.84 0.23
CA HIS B 267 -6.84 20.15 -0.03
C HIS B 267 -6.94 18.64 0.14
N ALA B 268 -8.05 18.14 0.68
CA ALA B 268 -8.24 16.71 0.82
C ALA B 268 -8.76 16.10 -0.49
N GLY B 269 -8.54 14.80 -0.64
CA GLY B 269 -8.96 14.06 -1.81
C GLY B 269 -7.82 13.23 -2.37
N GLN B 270 -8.05 12.67 -3.55
CA GLN B 270 -7.07 11.85 -4.23
C GLN B 270 -6.19 12.71 -5.13
N TYR B 271 -4.89 12.43 -5.11
CA TYR B 271 -3.92 13.18 -5.90
C TYR B 271 -3.14 12.24 -6.81
N ARG B 272 -2.77 12.75 -7.98
CA ARG B 272 -1.95 12.02 -8.95
C ARG B 272 -0.92 12.97 -9.54
N CYS B 273 0.30 12.48 -9.73
CA CYS B 273 1.38 13.26 -10.33
C CYS B 273 1.47 12.94 -11.82
N TYR B 274 1.27 13.96 -12.64
CA TYR B 274 1.49 13.86 -14.09
C TYR B 274 2.85 14.49 -14.40
N CYS B 275 3.57 13.87 -15.34
CA CYS B 275 4.97 14.21 -15.59
C CYS B 275 5.22 14.34 -17.09
N TYR B 276 5.81 15.46 -17.48
CA TYR B 276 6.26 15.69 -18.84
C TYR B 276 7.78 15.83 -18.86
N GLY B 277 8.41 15.17 -19.83
CA GLY B 277 9.85 15.20 -19.94
C GLY B 277 10.35 15.38 -21.36
N SER B 278 11.62 15.04 -21.60
CA SER B 278 12.18 15.17 -22.94
C SER B 278 11.60 14.15 -23.91
N ALA B 279 11.25 12.95 -23.42
CA ALA B 279 10.69 11.90 -24.25
C ALA B 279 9.17 11.90 -24.26
N GLY B 280 8.54 12.98 -23.84
CA GLY B 280 7.10 13.10 -23.86
C GLY B 280 6.49 12.89 -22.48
N TRP B 281 5.17 12.77 -22.47
CA TRP B 281 4.43 12.56 -21.24
C TRP B 281 4.63 11.13 -20.73
N SER B 282 4.22 10.91 -19.49
CA SER B 282 4.38 9.62 -18.84
C SER B 282 3.06 9.19 -18.22
N GLN B 283 2.97 7.90 -17.92
CA GLN B 283 1.79 7.37 -17.27
C GLN B 283 1.60 8.03 -15.90
N PRO B 284 0.37 8.35 -15.52
CA PRO B 284 0.14 9.02 -14.23
C PRO B 284 0.53 8.15 -13.05
N SER B 285 0.83 8.81 -11.93
CA SER B 285 1.26 8.12 -10.73
C SER B 285 0.08 7.39 -10.08
N ASP B 286 0.38 6.65 -9.02
CA ASP B 286 -0.66 5.98 -8.25
C ASP B 286 -1.52 6.98 -7.51
N THR B 287 -2.75 6.58 -7.22
CA THR B 287 -3.73 7.44 -6.56
C THR B 287 -3.42 7.54 -5.08
N LEU B 288 -2.70 8.59 -4.69
CA LEU B 288 -2.43 8.86 -3.29
C LEU B 288 -3.59 9.62 -2.68
N GLU B 289 -4.26 9.02 -1.70
CA GLU B 289 -5.43 9.61 -1.06
C GLU B 289 -5.02 10.40 0.18
N LEU B 290 -5.34 11.68 0.20
CA LEU B 290 -5.10 12.54 1.35
C LEU B 290 -6.36 12.65 2.19
N VAL B 291 -6.17 12.68 3.51
CA VAL B 291 -7.29 12.73 4.46
C VAL B 291 -7.02 13.81 5.49
N VAL B 292 -7.99 14.71 5.66
CA VAL B 292 -7.92 15.79 6.64
C VAL B 292 -8.85 15.45 7.81
N THR B 293 -8.27 15.33 9.00
CA THR B 293 -9.05 15.09 10.22
C THR B 293 -9.28 16.42 10.93
N GLY B 294 -9.90 16.34 12.12
CA GLY B 294 -10.24 17.51 12.89
C GLY B 294 -11.61 18.11 12.61
N ILE B 295 -12.42 17.47 11.77
CA ILE B 295 -13.79 17.91 11.52
C ILE B 295 -14.72 17.06 12.38
N TYR B 296 -15.95 17.57 12.59
CA TYR B 296 -16.96 16.88 13.40
C TYR B 296 -16.48 16.71 14.84
N GLU B 297 -15.95 17.80 15.41
CA GLU B 297 -15.26 17.75 16.70
C GLU B 297 -16.16 17.40 17.88
N HIS B 298 -17.49 17.46 17.73
CA HIS B 298 -18.36 17.33 18.90
C HIS B 298 -18.44 15.89 19.40
N TYR B 299 -18.63 14.93 18.51
CA TYR B 299 -18.87 13.54 18.90
C TYR B 299 -17.59 12.74 18.65
N LYS B 300 -16.74 12.66 19.66
CA LYS B 300 -15.51 11.89 19.56
C LYS B 300 -15.80 10.41 19.73
N PRO B 301 -15.34 9.54 18.83
CA PRO B 301 -15.59 8.10 18.97
C PRO B 301 -14.75 7.52 20.09
N ARG B 302 -15.01 6.24 20.38
CA ARG B 302 -14.31 5.51 21.42
C ARG B 302 -14.07 4.08 20.96
N LEU B 303 -12.87 3.58 21.21
CA LEU B 303 -12.44 2.26 20.74
C LEU B 303 -12.02 1.39 21.91
N SER B 304 -12.37 0.11 21.84
CA SER B 304 -11.99 -0.86 22.85
C SER B 304 -11.75 -2.20 22.18
N VAL B 305 -11.06 -3.09 22.89
CA VAL B 305 -10.62 -4.36 22.34
C VAL B 305 -11.14 -5.49 23.22
N LEU B 306 -11.54 -6.59 22.57
CA LEU B 306 -11.94 -7.82 23.24
C LEU B 306 -11.17 -9.00 22.66
N PRO B 307 -10.81 -9.99 23.48
CA PRO B 307 -11.08 -10.04 24.92
C PRO B 307 -10.08 -9.25 25.76
N SER B 308 -8.84 -9.16 25.29
CA SER B 308 -7.76 -8.50 26.01
C SER B 308 -6.89 -7.75 25.01
N PRO B 309 -6.31 -6.61 25.42
CA PRO B 309 -5.37 -5.91 24.53
C PRO B 309 -4.10 -6.69 24.24
N VAL B 310 -3.88 -7.82 24.90
CA VAL B 310 -2.73 -8.70 24.65
C VAL B 310 -3.27 -10.10 24.40
N VAL B 311 -3.09 -10.60 23.18
CA VAL B 311 -3.58 -11.92 22.80
C VAL B 311 -2.41 -12.77 22.33
N THR B 312 -2.62 -14.08 22.34
CA THR B 312 -1.61 -15.01 21.84
C THR B 312 -1.49 -14.91 20.32
N ALA B 313 -0.34 -15.32 19.82
CA ALA B 313 -0.09 -15.26 18.38
C ALA B 313 -1.02 -16.20 17.63
N GLY B 314 -1.58 -15.71 16.52
CA GLY B 314 -2.52 -16.47 15.73
C GLY B 314 -3.82 -16.76 16.45
N GLY B 315 -4.49 -15.71 16.92
CA GLY B 315 -5.75 -15.86 17.61
C GLY B 315 -6.78 -14.85 17.10
N ASN B 316 -8.04 -15.10 17.48
CA ASN B 316 -9.13 -14.21 17.10
C ASN B 316 -9.09 -12.93 17.93
N MET B 317 -9.35 -11.80 17.27
CA MET B 317 -9.37 -10.51 17.94
C MET B 317 -10.36 -9.60 17.24
N THR B 318 -11.26 -8.99 18.01
CA THR B 318 -12.28 -8.10 17.49
C THR B 318 -12.15 -6.74 18.16
N LEU B 319 -11.90 -5.71 17.36
CA LEU B 319 -11.87 -4.34 17.85
C LEU B 319 -13.23 -3.68 17.65
N HIS B 320 -13.64 -2.90 18.65
CA HIS B 320 -14.98 -2.33 18.71
C HIS B 320 -14.88 -0.81 18.83
N CYS B 321 -15.25 -0.11 17.76
CA CYS B 321 -15.30 1.34 17.74
C CYS B 321 -16.75 1.76 17.48
N ALA B 322 -17.30 2.57 18.39
CA ALA B 322 -18.68 3.01 18.29
C ALA B 322 -18.77 4.48 18.70
N SER B 323 -19.88 5.11 18.31
CA SER B 323 -20.10 6.52 18.64
C SER B 323 -21.60 6.77 18.73
N ASP B 324 -21.98 7.75 19.55
CA ASP B 324 -23.38 8.14 19.67
C ASP B 324 -23.91 8.83 18.42
N PHE B 325 -23.02 9.37 17.60
CA PHE B 325 -23.41 10.09 16.39
C PHE B 325 -23.60 9.11 15.23
N HIS B 326 -24.44 9.51 14.28
CA HIS B 326 -24.81 8.63 13.15
C HIS B 326 -23.77 8.74 12.04
N TYR B 327 -22.56 8.27 12.35
CA TYR B 327 -21.53 8.19 11.33
C TYR B 327 -21.87 7.10 10.33
N ASP B 328 -21.43 7.31 9.08
CA ASP B 328 -21.71 6.32 8.03
C ASP B 328 -20.77 5.13 8.15
N LYS B 329 -19.47 5.37 8.26
CA LYS B 329 -18.49 4.30 8.35
C LYS B 329 -17.40 4.68 9.34
N PHE B 330 -16.72 3.65 9.85
CA PHE B 330 -15.57 3.80 10.74
C PHE B 330 -14.33 3.20 10.07
N ILE B 331 -13.20 3.87 10.25
CA ILE B 331 -11.93 3.41 9.69
C ILE B 331 -10.89 3.34 10.80
N LEU B 332 -10.14 2.26 10.82
CA LEU B 332 -9.10 2.02 11.82
C LEU B 332 -7.74 2.42 11.26
N THR B 333 -6.93 3.06 12.09
CA THR B 333 -5.58 3.46 11.71
C THR B 333 -4.57 2.97 12.73
N LYS B 334 -3.41 2.53 12.24
CA LYS B 334 -2.29 2.14 13.09
C LYS B 334 -1.18 3.17 12.94
N GLU B 335 -0.69 3.68 14.07
CA GLU B 335 0.31 4.76 14.10
C GLU B 335 -0.30 5.94 13.35
N ASP B 336 0.36 6.49 12.33
CA ASP B 336 -0.20 7.55 11.52
C ASP B 336 -0.69 7.06 10.16
N LYS B 337 -0.64 5.75 9.93
CA LYS B 337 -0.99 5.16 8.64
C LYS B 337 -2.34 4.46 8.72
N LYS B 338 -3.07 4.48 7.60
CA LYS B 338 -4.34 3.78 7.52
C LYS B 338 -4.13 2.28 7.70
N PHE B 339 -5.14 1.62 8.27
CA PHE B 339 -5.10 0.18 8.50
C PHE B 339 -6.42 -0.44 8.02
N GLY B 340 -6.31 -1.60 7.39
CA GLY B 340 -7.50 -2.32 6.95
C GLY B 340 -8.30 -1.53 5.95
N ASN B 341 -9.61 -1.47 6.16
CA ASN B 341 -10.53 -0.80 5.26
C ASN B 341 -11.65 -0.16 6.09
N SER B 342 -12.67 0.33 5.41
CA SER B 342 -13.81 0.96 6.06
C SER B 342 -14.90 -0.06 6.36
N LEU B 343 -15.58 0.13 7.49
CA LEU B 343 -16.68 -0.73 7.90
C LEU B 343 -17.93 0.12 8.14
N ASP B 344 -19.07 -0.38 7.68
CA ASP B 344 -20.33 0.30 7.91
C ASP B 344 -20.66 0.34 9.39
N THR B 345 -21.45 1.34 9.78
CA THR B 345 -21.87 1.52 11.15
C THR B 345 -23.23 0.88 11.37
N GLU B 346 -23.37 0.15 12.48
CA GLU B 346 -24.59 -0.58 12.80
C GLU B 346 -25.26 0.09 13.99
N HIS B 347 -26.52 0.47 13.81
CA HIS B 347 -27.27 1.22 14.83
C HIS B 347 -27.90 0.23 15.82
N ILE B 348 -27.29 0.11 17.00
CA ILE B 348 -27.87 -0.70 18.06
C ILE B 348 -29.11 0.03 18.60
N SER B 349 -30.25 -0.65 18.59
CA SER B 349 -31.50 -0.02 18.98
C SER B 349 -31.57 0.27 20.48
N SER B 350 -30.80 -0.44 21.29
CA SER B 350 -30.88 -0.29 22.74
C SER B 350 -29.88 0.76 23.26
N SER B 351 -28.60 0.57 22.99
CA SER B 351 -27.56 1.44 23.54
C SER B 351 -27.43 2.76 22.80
N ARG B 352 -28.25 3.00 21.78
CA ARG B 352 -28.24 4.25 21.01
C ARG B 352 -26.87 4.52 20.40
N GLN B 353 -26.10 3.47 20.16
CA GLN B 353 -24.75 3.59 19.62
C GLN B 353 -24.71 3.06 18.19
N TYR B 354 -23.88 3.69 17.36
CA TYR B 354 -23.61 3.23 16.01
C TYR B 354 -22.31 2.43 16.05
N ARG B 355 -22.40 1.13 15.83
CA ARG B 355 -21.34 0.19 16.12
C ARG B 355 -20.67 -0.30 14.84
N ALA B 356 -19.41 -0.72 15.00
CA ALA B 356 -18.66 -1.34 13.91
C ALA B 356 -17.59 -2.23 14.52
N LEU B 357 -17.63 -3.53 14.19
CA LEU B 357 -16.72 -4.51 14.76
C LEU B 357 -15.63 -4.83 13.74
N PHE B 358 -14.38 -4.54 14.10
CA PHE B 358 -13.23 -4.77 13.22
C PHE B 358 -12.66 -6.15 13.54
N ILE B 359 -13.23 -7.17 12.89
CA ILE B 359 -12.74 -8.53 13.05
C ILE B 359 -11.39 -8.66 12.35
N ILE B 360 -10.43 -9.27 13.04
CA ILE B 360 -9.08 -9.45 12.51
C ILE B 360 -8.81 -10.95 12.45
N GLY B 361 -8.25 -11.41 11.32
CA GLY B 361 -7.82 -12.77 11.17
C GLY B 361 -6.74 -13.17 12.17
N PRO B 362 -6.18 -14.37 12.00
CA PRO B 362 -5.10 -14.82 12.89
C PRO B 362 -4.03 -13.76 13.08
N THR B 363 -3.73 -13.46 14.34
CA THR B 363 -2.87 -12.32 14.66
C THR B 363 -1.44 -12.55 14.17
N THR B 364 -0.79 -11.45 13.82
CA THR B 364 0.60 -11.42 13.39
C THR B 364 1.36 -10.39 14.20
N PRO B 365 2.68 -10.56 14.37
CA PRO B 365 3.46 -9.55 15.09
C PRO B 365 3.38 -8.16 14.48
N THR B 366 3.05 -8.04 13.19
CA THR B 366 2.91 -6.74 12.57
C THR B 366 1.74 -5.94 13.16
N HIS B 367 0.71 -6.63 13.67
CA HIS B 367 -0.44 -5.94 14.23
C HIS B 367 -0.12 -5.18 15.51
N THR B 368 1.00 -5.49 16.16
CA THR B 368 1.38 -4.78 17.38
C THR B 368 1.62 -3.31 17.09
N GLY B 369 0.93 -2.44 17.83
CA GLY B 369 1.08 -1.01 17.62
C GLY B 369 0.04 -0.23 18.40
N THR B 370 -0.26 0.96 17.88
CA THR B 370 -1.21 1.89 18.52
C THR B 370 -2.34 2.15 17.54
N PHE B 371 -3.54 1.72 17.88
CA PHE B 371 -4.70 1.83 17.00
C PHE B 371 -5.60 2.98 17.41
N ARG B 372 -6.12 3.69 16.41
CA ARG B 372 -7.14 4.71 16.59
C ARG B 372 -8.24 4.47 15.57
N CYS B 373 -9.44 4.96 15.86
CA CYS B 373 -10.56 4.82 14.94
C CYS B 373 -11.17 6.18 14.66
N TYR B 374 -11.62 6.38 13.43
CA TYR B 374 -12.20 7.62 12.96
C TYR B 374 -13.59 7.37 12.39
N GLY B 375 -14.38 8.43 12.35
CA GLY B 375 -15.72 8.36 11.76
C GLY B 375 -15.85 9.36 10.63
N TYR B 376 -16.60 8.99 9.61
CA TYR B 376 -16.78 9.85 8.45
C TYR B 376 -18.04 9.41 7.69
N PHE B 377 -18.45 10.24 6.75
CA PHE B 377 -19.65 10.01 5.97
C PHE B 377 -19.31 9.68 4.52
N LYS B 378 -20.25 9.01 3.85
CA LYS B 378 -20.02 8.56 2.49
C LYS B 378 -19.84 9.74 1.53
N ASN B 379 -20.58 10.83 1.76
CA ASN B 379 -20.49 11.98 0.85
C ASN B 379 -19.14 12.68 0.92
N ALA B 380 -18.41 12.52 2.02
CA ALA B 380 -17.07 13.10 2.17
C ALA B 380 -16.14 12.02 2.71
N PRO B 381 -15.56 11.21 1.84
CA PRO B 381 -14.71 10.10 2.33
C PRO B 381 -13.38 10.52 2.90
N GLN B 382 -12.91 11.74 2.62
CA GLN B 382 -11.62 12.21 3.09
C GLN B 382 -11.72 13.19 4.24
N LEU B 383 -12.92 13.43 4.76
CA LEU B 383 -13.14 14.32 5.90
C LEU B 383 -13.51 13.44 7.10
N TRP B 384 -12.54 13.21 7.98
CA TRP B 384 -12.71 12.31 9.11
C TRP B 384 -12.99 13.10 10.40
N SER B 385 -13.39 12.35 11.43
CA SER B 385 -13.71 12.93 12.72
C SER B 385 -12.44 13.15 13.53
N VAL B 386 -12.63 13.59 14.77
CA VAL B 386 -11.51 13.74 15.71
C VAL B 386 -11.01 12.36 16.11
N PRO B 387 -9.69 12.13 16.20
CA PRO B 387 -9.21 10.80 16.57
C PRO B 387 -9.66 10.41 17.96
N SER B 388 -9.89 9.11 18.13
CA SER B 388 -10.35 8.56 19.39
C SER B 388 -9.17 8.25 20.30
N ASP B 389 -9.46 8.10 21.60
CA ASP B 389 -8.43 7.75 22.57
C ASP B 389 -7.76 6.44 22.17
N LEU B 390 -6.43 6.48 22.09
CA LEU B 390 -5.69 5.37 21.52
C LEU B 390 -5.87 4.09 22.33
N GLN B 391 -5.81 2.96 21.63
CA GLN B 391 -5.90 1.64 22.24
C GLN B 391 -4.73 0.82 21.73
N GLN B 392 -3.81 0.47 22.64
CA GLN B 392 -2.58 -0.19 22.26
C GLN B 392 -2.75 -1.70 22.31
N ILE B 393 -2.36 -2.38 21.23
CA ILE B 393 -2.42 -3.83 21.13
C ILE B 393 -1.01 -4.37 21.11
N LEU B 394 -0.75 -5.40 21.92
CA LEU B 394 0.55 -6.06 21.98
C LEU B 394 0.33 -7.56 21.86
N ILE B 395 0.63 -8.11 20.69
CA ILE B 395 0.49 -9.54 20.45
C ILE B 395 1.68 -10.25 21.10
N SER B 396 1.38 -11.28 21.89
CA SER B 396 2.43 -12.05 22.54
C SER B 396 3.14 -12.93 21.51
N GLY B 397 4.15 -13.66 21.97
CA GLY B 397 4.92 -14.50 21.07
C GLY B 397 5.28 -15.85 21.65
N LEU B 398 6.37 -16.45 21.15
CA LEU B 398 6.80 -17.77 21.56
C LEU B 398 8.18 -17.75 22.20
N SER B 399 8.59 -16.62 22.76
CA SER B 399 9.87 -16.53 23.45
C SER B 399 9.75 -17.13 24.85
N LYS B 400 10.89 -17.23 25.53
CA LYS B 400 10.91 -17.84 26.86
C LYS B 400 10.15 -16.98 27.85
N LYS B 401 9.44 -17.64 28.76
CA LYS B 401 8.55 -16.94 29.69
C LYS B 401 9.35 -16.17 30.73
N PRO B 402 9.20 -14.85 30.81
CA PRO B 402 9.83 -14.10 31.91
C PRO B 402 9.11 -14.38 33.22
N SER B 403 9.69 -13.89 34.30
CA SER B 403 9.15 -14.10 35.65
C SER B 403 8.78 -12.76 36.27
N LEU B 404 7.65 -12.74 36.97
CA LEU B 404 7.10 -11.53 37.58
C LEU B 404 6.98 -11.76 39.08
N LEU B 405 7.92 -11.22 39.84
CA LEU B 405 7.91 -11.34 41.29
C LEU B 405 7.73 -9.97 41.93
N THR B 406 7.16 -9.97 43.15
CA THR B 406 6.75 -8.75 43.82
C THR B 406 7.44 -8.61 45.17
N HIS B 407 8.24 -7.55 45.33
CA HIS B 407 8.70 -7.17 46.65
C HIS B 407 7.53 -6.71 47.52
N GLN B 408 7.75 -6.75 48.83
CA GLN B 408 6.84 -6.26 49.87
C GLN B 408 5.57 -7.09 50.01
N GLY B 409 5.51 -8.28 49.42
CA GLY B 409 4.43 -9.19 49.71
C GLY B 409 3.30 -9.14 48.69
N HIS B 410 2.48 -10.18 48.71
CA HIS B 410 1.31 -10.25 47.82
C HIS B 410 0.14 -9.45 48.39
N ILE B 411 -0.36 -9.86 49.55
CA ILE B 411 -1.53 -9.22 50.15
C ILE B 411 -1.09 -7.91 50.78
N LEU B 412 -1.65 -6.80 50.29
CA LEU B 412 -1.23 -5.47 50.71
C LEU B 412 -2.37 -4.69 51.36
N ASP B 413 -1.97 -3.61 52.02
CA ASP B 413 -2.83 -2.62 52.66
C ASP B 413 -2.88 -1.35 51.81
N PRO B 414 -3.92 -0.53 51.96
CA PRO B 414 -4.02 0.67 51.11
C PRO B 414 -2.88 1.67 51.31
N GLY B 415 -2.28 1.72 52.50
CA GLY B 415 -1.30 2.73 52.81
C GLY B 415 0.13 2.42 52.45
N MET B 416 0.38 1.38 51.66
CA MET B 416 1.71 1.01 51.22
C MET B 416 1.79 1.01 49.70
N THR B 417 2.99 1.24 49.18
CA THR B 417 3.23 1.30 47.74
C THR B 417 3.90 0.03 47.28
N LEU B 418 3.40 -0.54 46.18
CA LEU B 418 3.97 -1.74 45.58
C LEU B 418 4.71 -1.37 44.32
N THR B 419 5.97 -1.81 44.22
CA THR B 419 6.77 -1.66 43.01
C THR B 419 6.96 -3.05 42.41
N LEU B 420 6.28 -3.31 41.30
CA LEU B 420 6.42 -4.60 40.64
C LEU B 420 7.76 -4.69 39.92
N GLN B 421 8.23 -5.92 39.75
CA GLN B 421 9.54 -6.16 39.15
C GLN B 421 9.47 -7.42 38.31
N CYS B 422 9.97 -7.33 37.07
CA CYS B 422 9.94 -8.43 36.13
C CYS B 422 11.35 -8.67 35.61
N TYR B 423 11.81 -9.91 35.70
CA TYR B 423 13.14 -10.30 35.22
C TYR B 423 13.04 -11.57 34.39
N SER B 424 14.06 -11.79 33.57
CA SER B 424 14.11 -12.96 32.70
C SER B 424 15.56 -13.34 32.46
N ASP B 425 15.82 -14.66 32.40
CA ASP B 425 17.17 -15.14 32.18
C ASP B 425 17.73 -14.66 30.83
N ILE B 426 16.87 -14.48 29.84
CA ILE B 426 17.29 -13.96 28.55
C ILE B 426 17.40 -12.44 28.64
N ASN B 427 18.45 -11.90 28.02
CA ASN B 427 18.68 -10.46 28.03
C ASN B 427 17.59 -9.79 27.18
N TYR B 428 16.55 -9.30 27.83
CA TYR B 428 15.49 -8.56 27.16
C TYR B 428 15.77 -7.06 27.32
N ASP B 429 15.66 -6.33 26.22
CA ASP B 429 15.94 -4.89 26.27
C ASP B 429 14.77 -4.11 26.84
N ARG B 430 13.53 -4.55 26.60
CA ARG B 430 12.35 -3.83 27.05
C ARG B 430 11.33 -4.81 27.61
N PHE B 431 10.69 -4.43 28.70
CA PHE B 431 9.65 -5.23 29.34
C PHE B 431 8.33 -4.47 29.33
N ALA B 432 7.23 -5.21 29.32
CA ALA B 432 5.89 -4.64 29.33
C ALA B 432 5.06 -5.30 30.41
N LEU B 433 4.37 -4.48 31.22
CA LEU B 433 3.46 -4.96 32.24
C LEU B 433 2.03 -4.76 31.80
N HIS B 434 1.19 -5.77 32.04
CA HIS B 434 -0.24 -5.67 31.75
C HIS B 434 -1.03 -6.15 32.95
N LYS B 435 -2.15 -5.47 33.22
CA LYS B 435 -3.08 -5.86 34.27
C LYS B 435 -4.31 -6.50 33.61
N VAL B 436 -4.63 -7.72 34.04
CA VAL B 436 -5.75 -8.44 33.45
C VAL B 436 -7.04 -7.69 33.72
N GLY B 437 -7.78 -7.38 32.65
CA GLY B 437 -8.97 -6.59 32.72
C GLY B 437 -8.77 -5.12 32.44
N GLY B 438 -7.52 -4.66 32.37
CA GLY B 438 -7.22 -3.28 32.03
C GLY B 438 -7.03 -3.08 30.54
N ALA B 439 -6.84 -1.82 30.16
CA ALA B 439 -6.61 -1.43 28.77
C ALA B 439 -5.21 -0.88 28.54
N ASP B 440 -4.66 -0.12 29.47
CA ASP B 440 -3.33 0.44 29.31
C ASP B 440 -2.25 -0.62 29.49
N ILE B 441 -1.10 -0.39 28.86
CA ILE B 441 0.05 -1.28 28.97
C ILE B 441 1.28 -0.41 29.25
N MET B 442 2.02 -0.75 30.29
CA MET B 442 3.21 0.00 30.69
C MET B 442 4.44 -0.69 30.14
N GLN B 443 5.32 0.10 29.51
CA GLN B 443 6.57 -0.41 28.95
C GLN B 443 7.75 0.33 29.56
N HIS B 444 8.72 -0.42 30.07
CA HIS B 444 9.92 0.15 30.67
C HIS B 444 11.15 -0.50 30.06
N SER B 445 12.23 0.26 29.98
CA SER B 445 13.51 -0.31 29.58
C SER B 445 14.08 -1.17 30.70
N SER B 446 15.02 -2.03 30.33
CA SER B 446 15.63 -2.98 31.26
C SER B 446 17.08 -2.59 31.52
N GLN B 447 17.50 -2.71 32.76
CA GLN B 447 18.86 -2.40 33.18
C GLN B 447 19.60 -3.67 33.58
N GLN B 448 20.89 -3.70 33.31
CA GLN B 448 21.71 -4.90 33.45
C GLN B 448 22.24 -4.99 34.87
N THR B 449 21.61 -5.83 35.68
CA THR B 449 22.03 -6.03 37.06
C THR B 449 23.35 -6.80 37.11
N ASP B 450 23.98 -6.78 38.30
CA ASP B 450 25.29 -7.38 38.45
C ASP B 450 25.26 -8.90 38.26
N THR B 451 24.12 -9.54 38.52
CA THR B 451 24.04 -10.99 38.34
C THR B 451 24.06 -11.39 36.88
N GLY B 452 23.84 -10.45 35.95
CA GLY B 452 23.92 -10.73 34.54
C GLY B 452 22.59 -10.87 33.81
N PHE B 453 21.47 -10.68 34.49
CA PHE B 453 20.15 -10.76 33.88
C PHE B 453 19.48 -9.39 33.93
N SER B 454 18.52 -9.18 33.03
CA SER B 454 17.83 -7.89 32.95
C SER B 454 16.72 -7.80 34.00
N VAL B 455 16.49 -6.57 34.47
CA VAL B 455 15.50 -6.28 35.51
C VAL B 455 14.83 -4.97 35.16
N ALA B 456 13.50 -4.92 35.30
CA ALA B 456 12.72 -3.72 35.01
C ALA B 456 11.96 -3.28 36.25
N ASN B 457 12.09 -2.00 36.60
CA ASN B 457 11.29 -1.40 37.65
C ASN B 457 9.93 -0.99 37.09
N PHE B 458 8.85 -1.51 37.67
CA PHE B 458 7.49 -1.06 37.37
C PHE B 458 6.94 -0.41 38.63
N THR B 459 7.17 0.90 38.76
CA THR B 459 6.67 1.63 39.92
C THR B 459 5.17 1.86 39.80
N LEU B 460 4.44 1.57 40.87
CA LEU B 460 3.01 1.83 40.95
C LEU B 460 2.72 2.70 42.16
N GLY B 461 1.81 3.66 42.00
CA GLY B 461 1.43 4.58 43.05
C GLY B 461 0.79 3.96 44.27
N TYR B 462 0.26 4.81 45.15
CA TYR B 462 -0.39 4.35 46.37
C TYR B 462 -1.48 3.33 46.05
N VAL B 463 -1.43 2.19 46.75
CA VAL B 463 -2.36 1.10 46.45
C VAL B 463 -3.78 1.53 46.76
N SER B 464 -4.66 1.34 45.79
CA SER B 464 -6.08 1.64 45.92
C SER B 464 -6.89 0.39 45.57
N SER B 465 -8.21 0.50 45.71
CA SER B 465 -9.08 -0.65 45.47
C SER B 465 -8.96 -1.17 44.05
N SER B 466 -8.73 -0.29 43.07
CA SER B 466 -8.61 -0.71 41.69
C SER B 466 -7.34 -1.55 41.44
N THR B 467 -6.28 -1.30 42.20
CA THR B 467 -4.99 -1.92 41.90
C THR B 467 -5.03 -3.44 42.03
N GLY B 468 -5.91 -3.98 42.87
CA GLY B 468 -5.99 -5.42 43.01
C GLY B 468 -6.47 -6.08 41.72
N GLY B 469 -5.81 -7.18 41.36
CA GLY B 469 -6.16 -7.90 40.16
C GLY B 469 -5.19 -9.01 39.80
N GLN B 470 -4.82 -9.09 38.52
CA GLN B 470 -3.90 -10.10 38.02
C GLN B 470 -2.94 -9.43 37.03
N TYR B 471 -1.65 -9.46 37.33
CA TYR B 471 -0.64 -8.78 36.54
C TYR B 471 0.22 -9.79 35.80
N ARG B 472 0.44 -9.56 34.50
CA ARG B 472 1.31 -10.37 33.68
C ARG B 472 2.40 -9.52 33.06
N CYS B 473 3.47 -10.18 32.61
CA CYS B 473 4.66 -9.48 32.13
C CYS B 473 5.15 -10.14 30.84
N TYR B 474 5.69 -9.32 29.95
CA TYR B 474 6.18 -9.77 28.66
C TYR B 474 7.55 -9.14 28.38
N GLY B 475 8.34 -9.81 27.54
CA GLY B 475 9.65 -9.33 27.19
C GLY B 475 9.84 -9.10 25.70
N ALA B 476 10.84 -8.29 25.34
CA ALA B 476 11.09 -7.98 23.94
C ALA B 476 12.56 -7.62 23.76
N HIS B 477 13.00 -7.65 22.51
CA HIS B 477 14.33 -7.20 22.12
C HIS B 477 14.23 -5.90 21.33
N ASN B 478 15.36 -5.20 21.24
CA ASN B 478 15.38 -3.89 20.57
C ASN B 478 15.03 -4.03 19.10
N LEU B 479 15.89 -4.72 18.33
CA LEU B 479 15.63 -4.89 16.90
C LEU B 479 14.37 -5.69 16.66
N SER B 480 14.04 -6.62 17.56
CA SER B 480 12.83 -7.43 17.41
C SER B 480 11.58 -6.58 17.64
N SER B 481 10.48 -7.02 17.01
CA SER B 481 9.17 -6.45 17.28
C SER B 481 8.18 -7.49 17.80
N GLU B 482 8.61 -8.72 18.02
CA GLU B 482 7.76 -9.78 18.57
C GLU B 482 8.01 -9.90 20.06
N TRP B 483 6.95 -9.86 20.84
CA TRP B 483 7.06 -9.94 22.29
C TRP B 483 7.15 -11.39 22.74
N SER B 484 7.44 -11.57 24.02
CA SER B 484 7.62 -12.89 24.60
C SER B 484 6.28 -13.51 24.97
N ALA B 485 6.33 -14.68 25.58
CA ALA B 485 5.13 -15.33 26.08
C ALA B 485 4.72 -14.71 27.41
N SER B 486 3.55 -15.10 27.90
CA SER B 486 3.04 -14.56 29.15
C SER B 486 3.83 -15.09 30.34
N SER B 487 3.90 -14.27 31.39
CA SER B 487 4.56 -14.67 32.62
C SER B 487 3.52 -15.22 33.58
N GLU B 488 3.98 -16.12 34.47
CA GLU B 488 3.08 -16.81 35.38
C GLU B 488 2.16 -15.82 36.08
N PRO B 489 0.87 -16.12 36.20
CA PRO B 489 -0.07 -15.12 36.73
C PRO B 489 0.31 -14.65 38.12
N LEU B 490 -0.02 -13.41 38.41
CA LEU B 490 0.34 -12.75 39.66
C LEU B 490 -0.91 -12.15 40.28
N ASP B 491 -1.39 -12.76 41.36
CA ASP B 491 -2.60 -12.29 42.04
C ASP B 491 -2.22 -11.29 43.12
N ILE B 492 -2.68 -10.06 42.98
CA ILE B 492 -2.50 -9.02 43.99
C ILE B 492 -3.81 -8.88 44.75
N LEU B 493 -3.74 -9.00 46.08
CA LEU B 493 -4.92 -8.97 46.93
C LEU B 493 -4.90 -7.73 47.82
N ILE B 494 -6.07 -7.13 48.02
CA ILE B 494 -6.23 -5.92 48.81
C ILE B 494 -7.07 -6.24 50.03
N THR B 495 -6.57 -5.91 51.21
CA THR B 495 -7.24 -6.17 52.47
C THR B 495 -7.79 -4.89 53.09
N GLY B 496 -8.76 -5.06 53.98
CA GLY B 496 -9.36 -3.98 54.72
C GLY B 496 -10.54 -3.31 54.06
N GLN B 497 -11.09 -3.90 53.00
CA GLN B 497 -12.21 -3.33 52.27
C GLN B 497 -13.56 -3.91 52.70
N LEU B 498 -13.61 -5.21 52.98
CA LEU B 498 -14.87 -5.82 53.40
C LEU B 498 -15.07 -5.68 54.89
N PRO B 499 -16.28 -5.31 55.32
CA PRO B 499 -16.51 -5.11 56.76
C PRO B 499 -16.32 -6.37 57.59
N LEU B 500 -16.67 -7.53 57.05
CA LEU B 500 -16.60 -8.77 57.81
C LEU B 500 -15.16 -9.08 58.19
N THR B 501 -14.99 -9.69 59.37
CA THR B 501 -13.68 -9.97 59.93
C THR B 501 -13.66 -11.39 60.47
N PRO B 502 -12.77 -12.26 59.97
CA PRO B 502 -12.75 -13.64 60.43
C PRO B 502 -11.94 -13.80 61.72
N SER B 503 -11.98 -15.02 62.26
CA SER B 503 -11.22 -15.38 63.46
C SER B 503 -10.45 -16.66 63.15
N LEU B 504 -9.27 -16.79 63.75
CA LEU B 504 -8.40 -17.92 63.48
C LEU B 504 -8.28 -18.82 64.70
N SER B 505 -8.10 -20.12 64.43
CA SER B 505 -7.97 -21.13 65.46
C SER B 505 -6.88 -22.11 65.06
N VAL B 506 -6.18 -22.64 66.05
CA VAL B 506 -5.14 -23.65 65.85
C VAL B 506 -5.58 -24.93 66.54
N LYS B 507 -5.23 -26.07 65.93
CA LYS B 507 -5.74 -27.36 66.38
C LYS B 507 -4.95 -27.89 67.57
N PRO B 508 -3.60 -27.96 67.50
CA PRO B 508 -2.87 -28.62 68.57
C PRO B 508 -2.00 -27.66 69.36
N ASN B 509 -0.91 -28.21 69.89
CA ASN B 509 0.02 -27.47 70.72
C ASN B 509 0.66 -26.36 69.91
N HIS B 510 1.08 -25.29 70.60
CA HIS B 510 1.79 -24.21 69.92
C HIS B 510 3.19 -24.63 69.50
N THR B 511 3.84 -25.49 70.28
CA THR B 511 5.20 -25.90 69.97
C THR B 511 5.14 -27.32 69.38
N VAL B 512 4.82 -27.36 68.09
CA VAL B 512 4.84 -28.59 67.32
C VAL B 512 6.28 -28.95 67.01
N HIS B 513 6.54 -30.24 66.85
CA HIS B 513 7.89 -30.69 66.51
C HIS B 513 8.10 -30.67 65.00
N SER B 514 9.33 -30.99 64.58
CA SER B 514 9.73 -30.87 63.19
C SER B 514 8.99 -31.84 62.28
N GLY B 515 8.13 -32.69 62.85
CA GLY B 515 7.35 -33.65 62.09
C GLY B 515 5.89 -33.69 62.49
N GLU B 516 5.46 -32.73 63.31
CA GLU B 516 4.08 -32.69 63.76
C GLU B 516 3.18 -32.10 62.67
N THR B 517 1.88 -32.09 62.96
CA THR B 517 0.87 -31.62 62.02
C THR B 517 -0.10 -30.66 62.69
N VAL B 518 -0.64 -29.74 61.90
CA VAL B 518 -1.55 -28.71 62.40
C VAL B 518 -2.61 -28.44 61.33
N SER B 519 -3.88 -28.66 61.68
CA SER B 519 -4.98 -28.23 60.84
C SER B 519 -5.56 -26.97 61.47
N LEU B 520 -5.43 -25.84 60.79
CA LEU B 520 -5.95 -24.59 61.31
C LEU B 520 -7.29 -24.25 60.66
N LEU B 521 -8.07 -23.45 61.36
CA LEU B 521 -9.44 -23.15 60.95
C LEU B 521 -9.72 -21.67 61.19
N CYS B 522 -10.19 -20.98 60.16
CA CYS B 522 -10.73 -19.65 60.34
C CYS B 522 -12.22 -19.65 60.01
N TRP B 523 -13.03 -19.16 60.94
CA TRP B 523 -14.47 -19.22 60.83
C TRP B 523 -15.05 -17.85 61.13
N SER B 524 -16.25 -17.62 60.60
CA SER B 524 -16.93 -16.33 60.76
C SER B 524 -18.43 -16.57 60.69
N MET B 525 -19.16 -15.94 61.61
CA MET B 525 -20.61 -16.04 61.59
C MET B 525 -21.19 -15.45 60.31
N ASP B 526 -20.53 -14.45 59.75
CA ASP B 526 -21.00 -13.82 58.52
C ASP B 526 -20.60 -14.66 57.31
N SER B 527 -21.38 -14.52 56.24
CA SER B 527 -21.16 -15.30 55.03
C SER B 527 -19.83 -14.97 54.37
N VAL B 528 -19.02 -16.01 54.11
CA VAL B 528 -17.73 -15.88 53.44
C VAL B 528 -17.62 -17.01 52.42
N ASP B 529 -17.27 -16.66 51.17
CA ASP B 529 -17.21 -17.66 50.12
C ASP B 529 -15.90 -18.45 50.18
N THR B 530 -14.77 -17.76 50.23
CA THR B 530 -13.46 -18.40 50.28
C THR B 530 -12.62 -17.76 51.37
N PHE B 531 -11.73 -18.56 51.96
CA PHE B 531 -10.77 -18.08 52.95
C PHE B 531 -9.35 -18.21 52.42
N ILE B 532 -8.49 -17.29 52.85
CA ILE B 532 -7.12 -17.19 52.38
C ILE B 532 -6.19 -17.11 53.58
N LEU B 533 -5.25 -18.04 53.66
CA LEU B 533 -4.22 -18.01 54.70
C LEU B 533 -3.06 -17.11 54.29
N SER B 534 -2.55 -16.33 55.25
CA SER B 534 -1.44 -15.43 54.98
C SER B 534 -0.32 -15.66 55.98
N LYS B 535 0.91 -15.61 55.48
CA LYS B 535 2.14 -15.74 56.25
C LYS B 535 2.88 -14.40 56.23
N GLU B 536 3.54 -14.07 57.34
CA GLU B 536 4.26 -12.81 57.41
C GLU B 536 5.37 -12.79 56.36
N GLY B 537 5.36 -11.76 55.52
CA GLY B 537 6.25 -11.71 54.37
C GLY B 537 5.84 -12.70 53.30
N SER B 538 4.55 -12.72 52.97
CA SER B 538 3.99 -13.71 52.04
C SER B 538 4.35 -13.31 50.61
N ALA B 539 5.62 -13.52 50.26
CA ALA B 539 6.03 -13.43 48.86
C ALA B 539 5.51 -14.61 48.05
N GLN B 540 5.00 -15.64 48.71
CA GLN B 540 4.46 -16.84 48.10
C GLN B 540 2.95 -16.69 47.91
N GLN B 541 2.42 -17.46 46.98
CA GLN B 541 0.99 -17.42 46.70
C GLN B 541 0.24 -17.98 47.89
N PRO B 542 -0.63 -17.20 48.52
CA PRO B 542 -1.36 -17.70 49.69
C PRO B 542 -2.31 -18.80 49.30
N LEU B 543 -2.68 -19.61 50.29
CA LEU B 543 -3.50 -20.79 50.02
C LEU B 543 -4.97 -20.42 50.14
N ARG B 544 -5.75 -20.85 49.14
CA ARG B 544 -7.16 -20.53 49.05
C ARG B 544 -7.97 -21.80 49.21
N LEU B 545 -8.95 -21.77 50.13
CA LEU B 545 -9.83 -22.88 50.41
C LEU B 545 -11.28 -22.41 50.36
N LYS B 546 -12.15 -23.21 49.76
CA LYS B 546 -13.57 -22.92 49.83
C LYS B 546 -14.09 -23.30 51.21
N SER B 547 -15.21 -22.68 51.59
CA SER B 547 -15.69 -22.73 52.96
C SER B 547 -16.93 -23.62 53.05
N LYS B 548 -16.91 -24.55 53.99
CA LYS B 548 -18.04 -25.44 54.26
C LYS B 548 -18.65 -25.08 55.61
N SER B 549 -19.93 -24.76 55.61
CA SER B 549 -20.64 -24.23 56.77
C SER B 549 -21.45 -25.35 57.41
N HIS B 550 -20.90 -25.97 58.45
CA HIS B 550 -21.67 -26.94 59.22
C HIS B 550 -22.66 -26.22 60.14
N ASP B 551 -22.17 -25.27 60.93
CA ASP B 551 -23.05 -24.36 61.66
C ASP B 551 -23.40 -23.20 60.74
N GLN B 552 -24.02 -22.15 61.29
CA GLN B 552 -24.23 -20.93 60.52
C GLN B 552 -22.93 -20.20 60.24
N GLN B 553 -21.80 -20.74 60.64
CA GLN B 553 -20.50 -20.13 60.44
C GLN B 553 -19.78 -20.81 59.28
N SER B 554 -19.11 -20.01 58.47
CA SER B 554 -18.33 -20.52 57.36
C SER B 554 -16.90 -20.73 57.81
N GLN B 555 -16.32 -21.86 57.41
CA GLN B 555 -15.00 -22.23 57.88
C GLN B 555 -14.29 -23.01 56.79
N ALA B 556 -12.97 -23.12 56.95
CA ALA B 556 -12.12 -23.77 55.97
C ALA B 556 -10.89 -24.30 56.67
N GLU B 557 -10.51 -25.53 56.35
CA GLU B 557 -9.37 -26.18 56.99
C GLU B 557 -8.15 -26.10 56.09
N PHE B 558 -7.07 -25.57 56.63
CA PHE B 558 -5.77 -25.52 55.95
C PHE B 558 -4.91 -26.57 56.66
N SER B 559 -4.85 -27.76 56.10
CA SER B 559 -4.07 -28.83 56.71
C SER B 559 -2.59 -28.63 56.47
N MET B 560 -1.78 -28.94 57.48
CA MET B 560 -0.33 -28.87 57.39
C MET B 560 0.23 -30.26 57.66
N SER B 561 0.99 -30.79 56.72
CA SER B 561 1.59 -32.11 56.82
C SER B 561 3.10 -31.99 56.70
N ALA B 562 3.83 -32.63 57.62
CA ALA B 562 5.28 -32.62 57.63
C ALA B 562 5.83 -31.19 57.64
N VAL B 563 5.33 -30.40 58.60
CA VAL B 563 5.80 -29.02 58.75
C VAL B 563 7.30 -29.01 59.03
N THR B 564 7.93 -27.89 58.70
CA THR B 564 9.37 -27.75 58.86
C THR B 564 9.69 -26.44 59.55
N SER B 565 10.95 -26.31 59.97
CA SER B 565 11.39 -25.13 60.69
C SER B 565 11.34 -23.88 59.83
N HIS B 566 11.59 -24.02 58.52
CA HIS B 566 11.47 -22.87 57.64
C HIS B 566 10.07 -22.29 57.69
N LEU B 567 9.06 -23.15 57.74
CA LEU B 567 7.68 -22.73 57.95
C LEU B 567 7.54 -22.37 59.43
N SER B 568 7.94 -21.14 59.76
CA SER B 568 7.81 -20.70 61.14
C SER B 568 6.35 -20.75 61.59
N GLY B 569 5.44 -20.30 60.75
CA GLY B 569 4.03 -20.44 61.07
C GLY B 569 3.14 -19.75 60.06
N THR B 570 1.86 -19.69 60.44
CA THR B 570 0.78 -19.07 59.68
C THR B 570 0.09 -18.06 60.58
N TYR B 571 -0.09 -16.82 60.08
CA TYR B 571 -0.49 -15.72 60.94
C TYR B 571 -1.93 -15.27 60.72
N ARG B 572 -2.28 -14.74 59.56
CA ARG B 572 -3.61 -14.16 59.37
C ARG B 572 -4.41 -14.88 58.29
N CYS B 573 -5.74 -14.75 58.40
CA CYS B 573 -6.70 -15.33 57.49
C CYS B 573 -7.60 -14.22 56.95
N TYR B 574 -7.98 -14.32 55.68
CA TYR B 574 -8.82 -13.33 55.04
C TYR B 574 -10.05 -13.99 54.42
N GLY B 575 -11.09 -13.18 54.22
CA GLY B 575 -12.33 -13.62 53.61
C GLY B 575 -12.53 -12.99 52.24
N ALA B 576 -13.26 -13.69 51.38
CA ALA B 576 -13.54 -13.20 50.04
C ALA B 576 -14.87 -13.73 49.57
N GLN B 577 -15.49 -13.01 48.63
CA GLN B 577 -16.78 -13.38 48.08
C GLN B 577 -16.67 -13.56 46.57
N ASN B 578 -17.61 -14.30 46.00
CA ASN B 578 -17.62 -14.50 44.55
C ASN B 578 -17.88 -13.21 43.79
N SER B 579 -18.53 -12.23 44.41
CA SER B 579 -18.79 -10.96 43.74
C SER B 579 -17.50 -10.27 43.34
N SER B 580 -16.47 -10.36 44.18
CA SER B 580 -15.15 -9.80 43.89
C SER B 580 -14.13 -10.86 44.29
N PHE B 581 -13.49 -11.48 43.29
CA PHE B 581 -12.67 -12.66 43.56
C PHE B 581 -11.37 -12.32 44.29
N TYR B 582 -10.85 -11.11 44.11
CA TYR B 582 -9.52 -10.76 44.65
C TYR B 582 -9.53 -9.55 45.57
N LEU B 583 -10.69 -9.02 45.91
CA LEU B 583 -10.81 -7.94 46.90
C LEU B 583 -11.11 -8.61 48.24
N LEU B 584 -10.15 -8.58 49.16
CA LEU B 584 -10.23 -9.35 50.39
C LEU B 584 -10.86 -8.54 51.53
N SER B 585 -11.18 -9.27 52.60
CA SER B 585 -11.73 -8.68 53.81
C SER B 585 -10.60 -8.14 54.68
N SER B 586 -10.93 -7.74 55.91
CA SER B 586 -9.91 -7.26 56.82
C SER B 586 -9.14 -8.44 57.42
N ALA B 587 -8.07 -8.12 58.12
CA ALA B 587 -7.19 -9.12 58.70
C ALA B 587 -7.80 -9.74 59.95
N SER B 588 -7.39 -10.96 60.24
CA SER B 588 -7.79 -11.65 61.45
C SER B 588 -6.64 -11.60 62.44
N ALA B 589 -6.97 -11.61 63.73
CA ALA B 589 -5.97 -11.43 64.77
C ALA B 589 -4.81 -12.41 64.55
N PRO B 590 -3.57 -11.94 64.57
CA PRO B 590 -2.45 -12.84 64.26
C PRO B 590 -2.33 -13.94 65.30
N VAL B 591 -1.84 -15.09 64.85
CA VAL B 591 -1.61 -16.25 65.71
C VAL B 591 -0.24 -16.81 65.39
N GLU B 592 0.68 -16.73 66.34
CA GLU B 592 2.06 -17.14 66.11
C GLU B 592 2.28 -18.56 66.62
N LEU B 593 2.69 -19.45 65.72
CA LEU B 593 3.06 -20.81 66.07
C LEU B 593 4.56 -20.97 65.92
N THR B 594 5.16 -21.78 66.80
CA THR B 594 6.59 -22.04 66.79
C THR B 594 6.83 -23.54 66.73
N VAL B 595 7.58 -23.99 65.73
CA VAL B 595 7.90 -25.41 65.61
C VAL B 595 9.05 -25.77 66.53
C1 NAG C . 14.24 -2.07 40.70
C2 NAG C . 15.56 -1.30 40.62
C3 NAG C . 16.44 -1.65 41.81
C4 NAG C . 15.72 -1.26 43.08
C5 NAG C . 14.41 -2.06 43.20
C6 NAG C . 13.55 -1.62 44.36
C7 NAG C . 16.77 -0.52 38.65
C8 NAG C . 17.46 -0.91 37.39
N2 NAG C . 16.26 -1.53 39.37
O3 NAG C . 17.68 -0.95 41.71
O4 NAG C . 16.62 -1.27 44.20
O5 NAG C . 13.61 -1.84 42.02
O6 NAG C . 12.18 -1.57 43.99
O7 NAG C . 16.69 0.65 39.00
C1 NAG C . 16.70 -2.32 45.17
C2 NAG C . 18.14 -2.41 45.67
C3 NAG C . 18.25 -3.42 46.82
C4 NAG C . 17.26 -3.07 47.91
C5 NAG C . 15.85 -2.98 47.33
C6 NAG C . 14.82 -2.52 48.33
C7 NAG C . 20.05 -1.99 44.18
C8 NAG C . 20.89 -2.52 43.06
N2 NAG C . 19.04 -2.78 44.59
O3 NAG C . 19.57 -3.40 47.34
O4 NAG C . 17.28 -4.07 48.93
O5 NAG C . 15.84 -2.02 46.26
O6 NAG C . 13.90 -1.60 47.75
O7 NAG C . 20.25 -0.89 44.69
C1 NAG D . 2.64 -29.33 74.56
C2 NAG D . 2.07 -30.62 75.17
C3 NAG D . 2.96 -31.15 76.30
C4 NAG D . 4.39 -31.30 75.81
C5 NAG D . 4.88 -29.95 75.32
C6 NAG D . 6.29 -29.99 74.77
C7 NAG D . -0.38 -30.53 74.92
C8 NAG D . -1.69 -30.26 75.61
N2 NAG D . 0.72 -30.39 75.67
O3 NAG D . 2.47 -32.42 76.71
O4 NAG D . 5.23 -31.76 76.87
O5 NAG D . 4.04 -29.51 74.25
O6 NAG D . 6.47 -29.04 73.73
O7 NAG D . -0.32 -30.86 73.74
#